data_5UN0
#
_entry.id   5UN0
#
_cell.length_a   138.250
_cell.length_b   79.760
_cell.length_c   89.030
_cell.angle_alpha   90.00
_cell.angle_beta   103.57
_cell.angle_gamma   90.00
#
_symmetry.space_group_name_H-M   'C 1 2 1'
#
loop_
_entity.id
_entity.type
_entity.pdbx_description
1 polymer 'proteasome assembly chaperone 2 (PAC2) homologue Rv2125'
2 water water
#
_entity_poly.entity_id   1
_entity_poly.type   'polypeptide(L)'
_entity_poly.pdbx_seq_one_letter_code
;MVVVAAFEGWNDAGDAAGDAVAHLAASWQALPIVEIDDEAYYDYQVNRPVIRQVDGVTRELQWPAMRISHCRPPGSDRDV
VLMCGVEPNMRWRTFCDELLAVIDKLNVDTVVILGALLADTPHTRPVPVSGAAYSAASARQFGLQETRYEGPTGIAGVFQ
SACVGAGIPAVTFWAAVPHYVSHPPNPKATIALLRRVEDVLDVEVPLADLPAQAEAWEREITETIAEDHELAEYVQTLEQ
HGDAAHHHHHH
;
_entity_poly.pdbx_strand_id   1,2,3
#
# COMPACT_ATOMS: atom_id res chain seq x y z
N MET A 1 4.97 -23.86 -27.87
CA MET A 1 4.15 -24.17 -26.67
C MET A 1 2.94 -23.23 -26.57
N VAL A 2 2.26 -23.29 -25.43
CA VAL A 2 1.07 -22.52 -25.21
C VAL A 2 1.05 -22.14 -23.72
N VAL A 3 0.56 -20.95 -23.37
CA VAL A 3 0.48 -20.56 -21.94
C VAL A 3 -0.95 -20.38 -21.39
N VAL A 4 -1.17 -20.90 -20.20
CA VAL A 4 -2.29 -20.48 -19.37
C VAL A 4 -1.73 -19.88 -18.08
N ALA A 5 -2.00 -18.58 -17.88
CA ALA A 5 -1.55 -17.83 -16.70
C ALA A 5 -2.73 -17.29 -15.89
N ALA A 6 -2.48 -17.03 -14.61
CA ALA A 6 -3.48 -16.43 -13.74
C ALA A 6 -2.79 -15.73 -12.60
N PHE A 7 -3.31 -14.56 -12.24
CA PHE A 7 -2.73 -13.74 -11.18
C PHE A 7 -3.71 -13.56 -10.03
N GLU A 8 -3.19 -13.67 -8.82
CA GLU A 8 -4.01 -13.67 -7.59
C GLU A 8 -4.56 -12.28 -7.23
N GLY A 9 -5.25 -12.21 -6.09
CA GLY A 9 -5.62 -10.93 -5.46
C GLY A 9 -6.67 -10.11 -6.19
N TRP A 10 -6.25 -8.97 -6.74
CA TRP A 10 -7.13 -8.08 -7.47
C TRP A 10 -7.77 -8.78 -8.68
N ASN A 11 -6.93 -9.39 -9.51
CA ASN A 11 -7.36 -9.99 -10.77
C ASN A 11 -8.09 -11.33 -10.65
N ASP A 12 -8.34 -11.78 -9.44
CA ASP A 12 -8.98 -13.04 -9.24
C ASP A 12 -9.93 -12.99 -8.10
N ALA A 13 -11.20 -13.21 -8.35
CA ALA A 13 -12.19 -13.13 -7.31
C ALA A 13 -12.82 -14.47 -7.07
N GLY A 14 -12.88 -14.88 -5.84
CA GLY A 14 -13.40 -16.20 -5.52
C GLY A 14 -12.37 -17.26 -5.79
N ASP A 15 -11.20 -16.82 -6.19
CA ASP A 15 -10.09 -17.64 -6.55
C ASP A 15 -10.41 -18.53 -7.69
N ALA A 16 -11.19 -18.05 -8.63
CA ALA A 16 -11.64 -18.82 -9.78
C ALA A 16 -10.46 -19.16 -10.70
N ALA A 17 -9.73 -18.12 -11.14
CA ALA A 17 -8.61 -18.28 -12.06
C ALA A 17 -7.44 -19.04 -11.44
N GLY A 18 -7.12 -18.74 -10.19
CA GLY A 18 -6.07 -19.47 -9.47
C GLY A 18 -6.40 -20.95 -9.39
N ASP A 19 -7.63 -21.26 -8.96
CA ASP A 19 -8.13 -22.64 -8.90
C ASP A 19 -8.18 -23.31 -10.27
N ALA A 20 -8.52 -22.55 -11.29
CA ALA A 20 -8.48 -23.10 -12.65
C ALA A 20 -7.08 -23.62 -12.97
N VAL A 21 -6.07 -22.77 -12.79
CA VAL A 21 -4.70 -23.18 -13.13
C VAL A 21 -4.24 -24.30 -12.21
N ALA A 22 -4.67 -24.25 -10.96
CA ALA A 22 -4.32 -25.28 -10.00
C ALA A 22 -4.82 -26.62 -10.49
N HIS A 23 -6.05 -26.60 -11.01
CA HIS A 23 -6.72 -27.80 -11.49
C HIS A 23 -6.08 -28.40 -12.72
N LEU A 24 -5.55 -27.54 -13.58
CA LEU A 24 -4.80 -27.99 -14.73
C LEU A 24 -3.53 -28.70 -14.27
N ALA A 25 -2.85 -28.08 -13.30
CA ALA A 25 -1.54 -28.57 -12.85
C ALA A 25 -1.66 -29.87 -12.09
N ALA A 26 -2.81 -30.06 -11.44
CA ALA A 26 -3.10 -31.29 -10.72
C ALA A 26 -3.39 -32.36 -11.73
N SER A 27 -4.33 -32.07 -12.62
CA SER A 27 -4.84 -33.04 -13.58
C SER A 27 -3.74 -33.56 -14.44
N TRP A 28 -3.02 -32.65 -15.10
CA TRP A 28 -1.92 -33.02 -15.99
C TRP A 28 -0.54 -33.14 -15.35
N GLN A 29 -0.47 -33.00 -14.03
CA GLN A 29 0.76 -33.22 -13.25
C GLN A 29 1.94 -32.38 -13.76
N ALA A 30 1.86 -31.07 -13.53
CA ALA A 30 2.80 -30.15 -14.11
C ALA A 30 4.10 -30.18 -13.36
N LEU A 31 5.20 -29.95 -14.10
CA LEU A 31 6.56 -30.00 -13.57
C LEU A 31 7.06 -28.56 -13.38
N PRO A 32 7.34 -28.15 -12.12
CA PRO A 32 7.95 -26.85 -11.86
C PRO A 32 9.28 -26.67 -12.58
N ILE A 33 9.50 -25.48 -13.14
CA ILE A 33 10.74 -25.19 -13.86
C ILE A 33 11.31 -23.83 -13.45
N VAL A 34 10.48 -22.80 -13.54
CA VAL A 34 10.93 -21.42 -13.19
C VAL A 34 10.05 -20.79 -12.09
N GLU A 35 10.72 -20.12 -11.15
CA GLU A 35 10.07 -19.39 -10.09
C GLU A 35 10.65 -17.97 -9.97
N ILE A 36 9.82 -16.95 -10.21
CA ILE A 36 10.28 -15.55 -10.18
C ILE A 36 10.03 -14.94 -8.80
N ASP A 37 11.13 -14.84 -8.07
CA ASP A 37 11.19 -14.59 -6.62
C ASP A 37 11.56 -13.13 -6.34
N ASP A 38 11.87 -12.38 -7.39
CA ASP A 38 12.61 -11.14 -7.25
C ASP A 38 11.92 -10.10 -6.39
N GLU A 39 12.73 -9.48 -5.53
CA GLU A 39 12.28 -8.47 -4.59
C GLU A 39 12.14 -7.09 -5.28
N ALA A 40 12.58 -7.00 -6.53
CA ALA A 40 12.27 -5.84 -7.35
C ALA A 40 10.77 -5.68 -7.61
N TYR A 41 10.02 -6.77 -7.54
CA TYR A 41 8.61 -6.77 -7.92
C TYR A 41 7.62 -6.68 -6.75
N TYR A 42 8.07 -6.97 -5.52
CA TYR A 42 7.16 -7.19 -4.38
C TYR A 42 7.31 -6.26 -3.18
N ASP A 43 6.17 -5.67 -2.81
CA ASP A 43 5.97 -4.88 -1.56
C ASP A 43 5.49 -5.89 -0.54
N TYR A 44 6.31 -6.10 0.49
CA TYR A 44 6.13 -7.23 1.40
C TYR A 44 5.19 -6.94 2.57
N GLN A 45 4.78 -5.70 2.77
CA GLN A 45 3.70 -5.43 3.71
C GLN A 45 2.37 -5.76 3.05
N VAL A 46 2.30 -5.63 1.73
CA VAL A 46 1.07 -5.91 1.01
C VAL A 46 0.96 -7.38 0.82
N ASN A 47 1.97 -7.95 0.15
CA ASN A 47 2.10 -9.40 0.01
C ASN A 47 3.07 -9.96 1.02
N ARG A 48 2.56 -10.31 2.20
CA ARG A 48 3.43 -10.81 3.28
C ARG A 48 3.96 -12.22 3.00
N PRO A 49 5.14 -12.56 3.54
CA PRO A 49 5.55 -13.94 3.41
C PRO A 49 4.84 -14.77 4.42
N VAL A 50 4.84 -16.07 4.19
CA VAL A 50 4.16 -17.02 5.06
C VAL A 50 5.19 -17.76 5.87
N ILE A 51 5.02 -17.70 7.19
CA ILE A 51 5.88 -18.40 8.14
C ILE A 51 5.20 -19.69 8.57
N ARG A 52 5.99 -20.72 8.83
CA ARG A 52 5.49 -21.94 9.47
C ARG A 52 6.38 -22.26 10.65
N GLN A 53 5.79 -22.22 11.86
CA GLN A 53 6.52 -22.45 13.11
C GLN A 53 5.90 -23.57 13.91
N VAL A 54 6.76 -24.48 14.35
CA VAL A 54 6.34 -25.67 15.07
C VAL A 54 7.22 -25.82 16.32
N ASP A 55 6.54 -25.90 17.47
CA ASP A 55 7.17 -26.18 18.76
C ASP A 55 8.33 -25.24 19.06
N GLY A 56 8.09 -23.95 18.86
CA GLY A 56 9.06 -22.92 19.20
C GLY A 56 10.08 -22.59 18.12
N VAL A 57 10.01 -23.25 16.97
CA VAL A 57 10.95 -22.96 15.88
C VAL A 57 10.26 -22.79 14.54
N THR A 58 10.75 -21.84 13.75
CA THR A 58 10.23 -21.67 12.40
C THR A 58 10.80 -22.81 11.57
N ARG A 59 9.93 -23.46 10.82
CA ARG A 59 10.34 -24.58 9.98
C ARG A 59 10.25 -24.23 8.49
N GLU A 60 9.49 -23.19 8.16
CA GLU A 60 9.40 -22.79 6.76
C GLU A 60 9.08 -21.31 6.58
N LEU A 61 9.69 -20.75 5.54
CA LEU A 61 9.48 -19.35 5.15
C LEU A 61 9.19 -19.32 3.66
N GLN A 62 8.04 -18.75 3.31
CA GLN A 62 7.56 -18.80 1.94
C GLN A 62 7.36 -17.39 1.42
N TRP A 63 8.12 -17.06 0.38
CA TRP A 63 8.08 -15.73 -0.22
C TRP A 63 7.13 -15.64 -1.42
N PRO A 64 6.40 -14.52 -1.53
CA PRO A 64 5.54 -14.34 -2.69
C PRO A 64 6.38 -14.39 -3.94
N ALA A 65 5.81 -14.92 -5.01
CA ALA A 65 6.57 -15.15 -6.23
C ALA A 65 5.67 -15.56 -7.37
N MET A 66 6.29 -15.69 -8.54
CA MET A 66 5.63 -16.19 -9.74
C MET A 66 6.14 -17.59 -10.06
N ARG A 67 5.27 -18.60 -9.94
CA ARG A 67 5.62 -20.00 -10.25
C ARG A 67 5.26 -20.37 -11.69
N ILE A 68 6.26 -20.86 -12.41
CA ILE A 68 6.08 -21.29 -13.79
C ILE A 68 6.39 -22.77 -13.84
N SER A 69 5.42 -23.56 -14.31
CA SER A 69 5.60 -25.01 -14.43
C SER A 69 5.20 -25.52 -15.83
N HIS A 70 5.62 -26.74 -16.17
CA HIS A 70 5.39 -27.28 -17.53
C HIS A 70 4.52 -28.53 -17.54
N CYS A 71 3.82 -28.72 -18.65
CA CYS A 71 2.73 -29.65 -18.74
C CYS A 71 2.61 -30.27 -20.12
N ARG A 72 2.06 -31.47 -20.17
CA ARG A 72 1.72 -32.17 -21.41
C ARG A 72 0.43 -32.95 -21.22
N PRO A 73 -0.70 -32.45 -21.73
CA PRO A 73 -1.93 -33.22 -21.64
C PRO A 73 -1.74 -34.56 -22.35
N PRO A 74 -2.28 -35.65 -21.79
CA PRO A 74 -1.94 -36.99 -22.24
C PRO A 74 -2.01 -37.31 -23.74
N GLY A 75 -3.11 -37.00 -24.42
CA GLY A 75 -3.17 -37.24 -25.87
C GLY A 75 -2.22 -36.36 -26.65
N SER A 76 -2.23 -35.08 -26.30
CA SER A 76 -1.67 -34.00 -27.15
C SER A 76 -0.14 -33.89 -27.19
N ASP A 77 0.35 -33.15 -28.17
CA ASP A 77 1.75 -32.68 -28.17
C ASP A 77 1.82 -31.17 -27.94
N ARG A 78 0.74 -30.62 -27.42
CA ARG A 78 0.77 -29.25 -26.95
C ARG A 78 1.46 -29.36 -25.62
N ASP A 79 2.58 -28.68 -25.48
CA ASP A 79 3.08 -28.38 -24.15
C ASP A 79 2.23 -27.24 -23.66
N VAL A 80 1.91 -27.29 -22.38
CA VAL A 80 1.15 -26.24 -21.75
C VAL A 80 2.04 -25.70 -20.65
N VAL A 81 2.31 -24.39 -20.67
CA VAL A 81 3.12 -23.75 -19.65
C VAL A 81 2.22 -22.93 -18.75
N LEU A 82 2.26 -23.26 -17.48
CA LEU A 82 1.34 -22.67 -16.50
C LEU A 82 2.07 -21.64 -15.70
N MET A 83 1.38 -20.55 -15.40
CA MET A 83 1.92 -19.47 -14.57
C MET A 83 0.92 -19.09 -13.50
N CYS A 84 1.39 -19.00 -12.27
CA CYS A 84 0.49 -18.69 -11.19
C CYS A 84 1.22 -18.02 -10.06
N GLY A 85 0.61 -16.96 -9.54
CA GLY A 85 1.20 -16.22 -8.46
C GLY A 85 0.61 -14.85 -8.29
N VAL A 86 1.00 -14.20 -7.20
CA VAL A 86 0.44 -12.93 -6.81
C VAL A 86 0.85 -11.82 -7.75
N GLU A 87 -0.03 -10.84 -7.86
CA GLU A 87 0.20 -9.68 -8.69
C GLU A 87 1.28 -8.82 -8.08
N PRO A 88 2.42 -8.69 -8.77
CA PRO A 88 3.46 -7.82 -8.20
C PRO A 88 2.94 -6.42 -7.89
N ASN A 89 3.66 -5.74 -7.01
CA ASN A 89 3.33 -4.37 -6.67
C ASN A 89 4.09 -3.33 -7.49
N MET A 90 5.11 -3.74 -8.23
CA MET A 90 5.99 -2.77 -8.90
C MET A 90 6.81 -3.34 -10.04
N ARG A 91 7.43 -2.45 -10.79
CA ARG A 91 8.21 -2.78 -11.99
C ARG A 91 7.49 -3.72 -12.97
N TRP A 92 6.18 -3.53 -13.09
CA TRP A 92 5.32 -4.28 -14.00
C TRP A 92 5.93 -4.38 -15.37
N ARG A 93 6.34 -3.26 -15.93
CA ARG A 93 6.91 -3.25 -17.28
C ARG A 93 8.05 -4.26 -17.46
N THR A 94 8.98 -4.29 -16.51
CA THR A 94 10.12 -5.17 -16.51
C THR A 94 9.77 -6.61 -16.12
N PHE A 95 8.74 -6.75 -15.29
CA PHE A 95 8.16 -8.03 -14.89
C PHE A 95 7.63 -8.71 -16.13
N CYS A 96 6.95 -7.94 -16.97
CA CYS A 96 6.36 -8.48 -18.19
C CYS A 96 7.44 -8.83 -19.22
N ASP A 97 8.45 -7.96 -19.35
CA ASP A 97 9.62 -8.26 -20.17
C ASP A 97 10.28 -9.57 -19.74
N GLU A 98 10.35 -9.79 -18.44
CA GLU A 98 10.95 -11.02 -17.92
C GLU A 98 10.16 -12.25 -18.43
N LEU A 99 8.86 -12.25 -18.13
CA LEU A 99 7.97 -13.33 -18.55
C LEU A 99 8.06 -13.57 -20.04
N LEU A 100 8.09 -12.49 -20.80
CA LEU A 100 8.30 -12.59 -22.26
C LEU A 100 9.60 -13.30 -22.66
N ALA A 101 10.67 -13.08 -21.90
CA ALA A 101 11.93 -13.77 -22.17
C ALA A 101 11.75 -15.26 -21.95
N VAL A 102 10.97 -15.61 -20.94
CA VAL A 102 10.67 -17.02 -20.66
C VAL A 102 9.92 -17.55 -21.87
N ILE A 103 8.95 -16.77 -22.29
CA ILE A 103 8.11 -17.11 -23.44
C ILE A 103 8.94 -17.32 -24.69
N ASP A 104 9.93 -16.46 -24.85
CA ASP A 104 10.75 -16.51 -26.04
C ASP A 104 11.55 -17.80 -26.08
N LYS A 105 12.22 -18.14 -24.98
CA LYS A 105 13.06 -19.35 -24.95
C LYS A 105 12.29 -20.65 -25.06
N LEU A 106 11.05 -20.62 -24.63
CA LEU A 106 10.20 -21.77 -24.71
C LEU A 106 9.39 -21.83 -25.99
N ASN A 107 9.57 -20.83 -26.86
CA ASN A 107 8.85 -20.79 -28.12
C ASN A 107 7.37 -20.96 -27.88
N VAL A 108 6.76 -19.97 -27.24
CA VAL A 108 5.35 -20.01 -26.98
C VAL A 108 4.57 -19.36 -28.11
N ASP A 109 3.52 -20.05 -28.56
CA ASP A 109 2.64 -19.58 -29.63
C ASP A 109 1.57 -18.63 -29.16
N THR A 110 0.95 -18.99 -28.05
CA THR A 110 -0.31 -18.39 -27.62
C THR A 110 -0.36 -18.25 -26.10
N VAL A 111 -0.91 -17.13 -25.63
CA VAL A 111 -1.07 -16.94 -24.20
C VAL A 111 -2.53 -16.75 -23.84
N VAL A 112 -2.95 -17.39 -22.75
CA VAL A 112 -4.33 -17.29 -22.25
C VAL A 112 -4.31 -16.87 -20.78
N ILE A 113 -4.79 -15.68 -20.49
CA ILE A 113 -4.80 -15.19 -19.12
C ILE A 113 -6.18 -15.27 -18.47
N LEU A 114 -6.28 -16.01 -17.38
CA LEU A 114 -7.56 -16.12 -16.68
C LEU A 114 -7.68 -15.15 -15.51
N GLY A 115 -8.88 -14.61 -15.36
CA GLY A 115 -9.20 -13.77 -14.22
C GLY A 115 -10.65 -13.86 -13.80
N ALA A 116 -10.96 -13.20 -12.68
CA ALA A 116 -12.32 -13.18 -12.15
C ALA A 116 -12.58 -11.92 -11.36
N LEU A 117 -13.82 -11.43 -11.49
CA LEU A 117 -14.23 -10.17 -10.90
C LEU A 117 -15.58 -10.32 -10.21
N LEU A 118 -15.82 -9.45 -9.22
CA LEU A 118 -17.12 -9.37 -8.57
C LEU A 118 -18.06 -8.50 -9.38
N ALA A 119 -19.24 -9.04 -9.68
CA ALA A 119 -20.26 -8.27 -10.39
C ALA A 119 -21.64 -8.49 -9.79
N ASP A 120 -22.59 -7.69 -10.28
CA ASP A 120 -24.00 -7.86 -9.98
C ASP A 120 -24.51 -8.97 -10.92
N THR A 121 -24.63 -10.19 -10.38
CA THR A 121 -25.04 -11.35 -11.18
C THR A 121 -25.60 -12.45 -10.27
N PRO A 122 -26.67 -13.14 -10.71
CA PRO A 122 -27.24 -14.20 -9.86
C PRO A 122 -26.32 -15.41 -9.74
N HIS A 123 -26.41 -16.10 -8.62
CA HIS A 123 -25.70 -17.37 -8.44
C HIS A 123 -26.52 -18.53 -8.96
N THR A 124 -27.76 -18.25 -9.35
CA THR A 124 -28.70 -19.29 -9.81
C THR A 124 -28.77 -19.36 -11.33
N ARG A 125 -27.92 -18.59 -12.00
CA ARG A 125 -27.84 -18.59 -13.47
C ARG A 125 -26.39 -18.55 -13.93
N PRO A 126 -26.13 -18.94 -15.19
CA PRO A 126 -24.75 -19.13 -15.68
C PRO A 126 -23.76 -18.02 -15.36
N VAL A 127 -22.47 -18.34 -15.55
CA VAL A 127 -21.37 -17.42 -15.28
C VAL A 127 -21.17 -16.50 -16.49
N PRO A 128 -21.35 -15.19 -16.31
CA PRO A 128 -20.99 -14.30 -17.38
C PRO A 128 -19.47 -14.23 -17.57
N VAL A 129 -19.02 -14.34 -18.81
CA VAL A 129 -17.60 -14.28 -19.11
C VAL A 129 -17.34 -13.08 -20.01
N SER A 130 -16.31 -12.31 -19.66
CA SER A 130 -15.91 -11.17 -20.46
C SER A 130 -14.40 -11.14 -20.70
N GLY A 131 -13.96 -10.28 -21.58
CA GLY A 131 -12.55 -10.20 -21.85
C GLY A 131 -12.14 -9.45 -23.09
N ALA A 132 -10.89 -9.67 -23.48
CA ALA A 132 -10.32 -9.05 -24.65
C ALA A 132 -9.32 -9.97 -25.31
N ALA A 133 -8.99 -9.65 -26.56
CA ALA A 133 -8.16 -10.51 -27.37
C ALA A 133 -7.19 -9.67 -28.21
N TYR A 134 -6.40 -10.32 -29.07
CA TYR A 134 -5.34 -9.60 -29.81
C TYR A 134 -5.82 -8.83 -31.04
N SER A 135 -7.04 -9.14 -31.49
CA SER A 135 -7.66 -8.41 -32.59
C SER A 135 -9.18 -8.54 -32.60
N ALA A 136 -9.82 -7.74 -33.45
CA ALA A 136 -11.29 -7.74 -33.65
C ALA A 136 -11.78 -9.08 -34.23
N ALA A 137 -10.95 -9.64 -35.10
CA ALA A 137 -11.20 -10.98 -35.59
C ALA A 137 -11.12 -11.99 -34.46
N SER A 138 -10.19 -11.83 -33.54
CA SER A 138 -10.02 -12.79 -32.44
C SER A 138 -11.11 -12.62 -31.41
N ALA A 139 -11.76 -11.46 -31.42
CA ALA A 139 -12.86 -11.24 -30.50
C ALA A 139 -14.10 -12.01 -31.00
N ARG A 140 -13.92 -12.86 -32.03
CA ARG A 140 -14.91 -13.86 -32.42
C ARG A 140 -15.65 -14.42 -31.22
N GLN A 141 -14.90 -14.63 -30.13
CA GLN A 141 -15.41 -14.99 -28.80
C GLN A 141 -16.17 -13.83 -28.08
N PHE A 142 -15.81 -12.58 -28.39
CA PHE A 142 -16.54 -11.38 -27.88
C PHE A 142 -16.82 -10.21 -28.85
N GLY A 143 -18.07 -9.78 -28.95
CA GLY A 143 -18.35 -8.47 -29.51
C GLY A 143 -18.00 -7.45 -28.46
N LEU A 144 -18.43 -7.73 -27.24
CA LEU A 144 -18.44 -6.79 -26.11
C LEU A 144 -17.43 -7.29 -25.07
N GLN A 145 -17.23 -6.57 -23.95
CA GLN A 145 -16.24 -7.01 -22.93
C GLN A 145 -16.51 -6.76 -21.42
N GLU A 146 -15.41 -6.75 -20.66
CA GLU A 146 -15.36 -6.76 -19.19
C GLU A 146 -15.77 -5.48 -18.44
N THR A 147 -16.05 -5.64 -17.15
CA THR A 147 -16.65 -4.58 -16.32
C THR A 147 -16.05 -3.17 -16.58
N ARG A 148 -14.73 -3.08 -16.78
CA ARG A 148 -14.05 -1.81 -17.19
C ARG A 148 -13.58 -1.79 -18.65
N TYR A 149 -14.39 -1.20 -19.51
CA TYR A 149 -13.99 -0.87 -20.89
C TYR A 149 -12.98 0.26 -20.81
N GLU A 150 -13.26 1.20 -19.90
CA GLU A 150 -12.31 2.23 -19.49
C GLU A 150 -12.21 2.22 -17.98
N GLY A 151 -10.98 2.33 -17.46
CA GLY A 151 -10.75 2.35 -16.01
C GLY A 151 -9.49 1.61 -15.62
N PRO A 152 -9.20 1.51 -14.31
CA PRO A 152 -7.96 0.92 -13.84
C PRO A 152 -7.83 -0.54 -14.24
N THR A 153 -6.63 -0.97 -14.60
CA THR A 153 -6.36 -2.39 -14.92
C THR A 153 -5.42 -3.04 -13.91
N GLY A 154 -5.22 -4.34 -14.07
CA GLY A 154 -4.24 -5.09 -13.28
C GLY A 154 -3.16 -5.67 -14.18
N ILE A 155 -2.33 -6.53 -13.60
CA ILE A 155 -1.22 -7.16 -14.30
C ILE A 155 -1.70 -8.06 -15.46
N ALA A 156 -2.86 -8.65 -15.28
CA ALA A 156 -3.47 -9.45 -16.33
C ALA A 156 -3.55 -8.66 -17.63
N GLY A 157 -4.24 -7.54 -17.59
CA GLY A 157 -4.45 -6.71 -18.77
C GLY A 157 -3.16 -6.11 -19.33
N VAL A 158 -2.24 -5.77 -18.44
CA VAL A 158 -0.95 -5.23 -18.86
C VAL A 158 -0.14 -6.29 -19.62
N PHE A 159 -0.01 -7.44 -18.99
CA PHE A 159 0.75 -8.56 -19.54
C PHE A 159 0.14 -8.96 -20.85
N GLN A 160 -1.18 -8.99 -20.87
CA GLN A 160 -1.90 -9.31 -22.08
C GLN A 160 -1.41 -8.37 -23.16
N SER A 161 -1.47 -7.07 -22.86
CA SER A 161 -1.05 -6.00 -23.75
C SER A 161 0.42 -6.05 -24.12
N ALA A 162 1.26 -6.52 -23.20
CA ALA A 162 2.67 -6.73 -23.48
C ALA A 162 2.89 -7.88 -24.49
N CYS A 163 2.01 -8.86 -24.48
CA CYS A 163 2.13 -9.98 -25.40
C CYS A 163 1.76 -9.54 -26.82
N VAL A 164 0.57 -8.95 -26.95
CA VAL A 164 0.12 -8.32 -28.20
C VAL A 164 1.21 -7.42 -28.83
N GLY A 165 1.77 -6.50 -28.06
CA GLY A 165 2.90 -5.70 -28.51
C GLY A 165 4.13 -6.52 -28.91
N ALA A 166 4.34 -7.66 -28.26
CA ALA A 166 5.49 -8.50 -28.55
C ALA A 166 5.23 -9.36 -29.77
N GLY A 167 3.97 -9.39 -30.20
CA GLY A 167 3.54 -10.17 -31.36
C GLY A 167 3.03 -11.56 -31.01
N ILE A 168 2.96 -11.91 -29.73
CA ILE A 168 2.34 -13.19 -29.34
C ILE A 168 0.82 -13.00 -29.18
N PRO A 169 0.03 -13.81 -29.88
CA PRO A 169 -1.41 -13.81 -29.64
C PRO A 169 -1.69 -13.97 -28.19
N ALA A 170 -2.59 -13.16 -27.64
CA ALA A 170 -2.95 -13.30 -26.25
C ALA A 170 -4.41 -12.94 -25.99
N VAL A 171 -5.08 -13.76 -25.20
CA VAL A 171 -6.47 -13.52 -24.84
C VAL A 171 -6.66 -13.58 -23.33
N THR A 172 -7.47 -12.68 -22.78
CA THR A 172 -7.85 -12.76 -21.38
C THR A 172 -9.35 -12.99 -21.25
N PHE A 173 -9.73 -13.89 -20.33
CA PHE A 173 -11.14 -14.14 -20.01
C PHE A 173 -11.39 -13.78 -18.55
N TRP A 174 -12.53 -13.13 -18.29
CA TRP A 174 -12.91 -12.71 -16.94
C TRP A 174 -14.22 -13.31 -16.58
N ALA A 175 -14.26 -14.06 -15.50
CA ALA A 175 -15.50 -14.69 -15.03
C ALA A 175 -16.18 -13.80 -14.01
N ALA A 176 -17.50 -13.64 -14.13
CA ALA A 176 -18.28 -12.77 -13.20
C ALA A 176 -18.84 -13.54 -11.99
N VAL A 177 -18.29 -13.24 -10.82
CA VAL A 177 -18.69 -13.86 -9.56
C VAL A 177 -19.67 -12.95 -8.80
N PRO A 178 -20.76 -13.53 -8.27
CA PRO A 178 -21.70 -12.75 -7.45
C PRO A 178 -21.03 -12.17 -6.21
N HIS A 179 -21.10 -10.86 -6.06
CA HIS A 179 -20.41 -10.15 -4.96
C HIS A 179 -20.80 -10.61 -3.55
N TYR A 180 -22.03 -11.08 -3.41
CA TYR A 180 -22.55 -11.53 -2.10
C TYR A 180 -21.96 -12.86 -1.60
N VAL A 181 -21.60 -13.74 -2.53
CA VAL A 181 -20.80 -14.93 -2.19
C VAL A 181 -19.38 -14.75 -2.71
N SER A 182 -18.55 -14.09 -1.91
CA SER A 182 -17.17 -13.83 -2.31
C SER A 182 -16.18 -14.89 -1.83
N HIS A 183 -16.57 -15.69 -0.83
CA HIS A 183 -15.64 -16.66 -0.21
C HIS A 183 -15.05 -17.59 -1.29
N PRO A 184 -13.73 -17.82 -1.25
CA PRO A 184 -13.06 -18.37 -2.42
C PRO A 184 -12.96 -19.89 -2.51
N PRO A 185 -14.04 -20.61 -2.19
CA PRO A 185 -14.09 -21.91 -2.85
C PRO A 185 -15.13 -21.95 -3.96
N ASN A 186 -14.99 -21.12 -4.99
CA ASN A 186 -15.93 -21.12 -6.12
C ASN A 186 -15.46 -22.03 -7.28
N PRO A 187 -16.24 -23.08 -7.59
CA PRO A 187 -15.96 -24.02 -8.67
C PRO A 187 -16.68 -23.70 -9.98
N LYS A 188 -17.81 -23.02 -9.86
CA LYS A 188 -18.67 -22.73 -11.01
C LYS A 188 -17.92 -21.94 -12.06
N ALA A 189 -17.28 -20.86 -11.63
CA ALA A 189 -16.57 -19.98 -12.56
C ALA A 189 -15.28 -20.65 -13.02
N THR A 190 -14.66 -21.42 -12.14
CA THR A 190 -13.48 -22.18 -12.50
C THR A 190 -13.81 -23.07 -13.69
N ILE A 191 -14.96 -23.73 -13.63
CA ILE A 191 -15.41 -24.53 -14.76
C ILE A 191 -15.44 -23.66 -15.99
N ALA A 192 -16.19 -22.56 -15.90
CA ALA A 192 -16.37 -21.64 -17.02
C ALA A 192 -15.04 -21.21 -17.62
N LEU A 193 -14.09 -20.83 -16.78
CA LEU A 193 -12.77 -20.41 -17.27
C LEU A 193 -12.06 -21.56 -17.97
N LEU A 194 -12.16 -22.75 -17.40
CA LEU A 194 -11.52 -23.93 -17.96
C LEU A 194 -12.05 -24.21 -19.36
N ARG A 195 -13.35 -24.01 -19.55
CA ARG A 195 -13.94 -24.25 -20.84
C ARG A 195 -13.40 -23.26 -21.87
N ARG A 196 -13.17 -22.02 -21.44
CA ARG A 196 -12.55 -21.03 -22.32
C ARG A 196 -11.14 -21.49 -22.72
N VAL A 197 -10.46 -22.16 -21.79
CA VAL A 197 -9.14 -22.71 -22.08
C VAL A 197 -9.21 -23.81 -23.14
N GLU A 198 -10.18 -24.71 -23.01
CA GLU A 198 -10.47 -25.68 -24.05
C GLU A 198 -10.63 -24.95 -25.38
N ASP A 199 -11.49 -23.93 -25.39
CA ASP A 199 -11.85 -23.22 -26.62
C ASP A 199 -10.65 -22.63 -27.36
N VAL A 200 -9.71 -22.05 -26.62
CA VAL A 200 -8.54 -21.44 -27.26
C VAL A 200 -7.48 -22.48 -27.66
N LEU A 201 -7.15 -23.37 -26.74
CA LEU A 201 -6.05 -24.31 -26.94
C LEU A 201 -6.48 -25.58 -27.64
N ASP A 202 -7.79 -25.81 -27.71
CA ASP A 202 -8.34 -27.03 -28.30
C ASP A 202 -7.65 -28.28 -27.76
N VAL A 203 -7.72 -28.47 -26.45
CA VAL A 203 -7.44 -29.76 -25.83
C VAL A 203 -8.45 -29.92 -24.73
N GLU A 204 -9.10 -31.09 -24.65
CA GLU A 204 -10.12 -31.30 -23.65
C GLU A 204 -9.48 -31.35 -22.27
N VAL A 205 -10.12 -30.69 -21.31
CA VAL A 205 -9.66 -30.70 -19.91
C VAL A 205 -10.67 -31.44 -19.06
N PRO A 206 -10.19 -32.44 -18.31
CA PRO A 206 -11.04 -33.28 -17.50
C PRO A 206 -11.53 -32.48 -16.32
N LEU A 207 -12.85 -32.32 -16.19
CA LEU A 207 -13.38 -31.54 -15.10
C LEU A 207 -13.45 -32.34 -13.82
N ALA A 208 -13.46 -33.67 -13.94
CA ALA A 208 -13.50 -34.57 -12.78
C ALA A 208 -14.72 -34.33 -11.87
N ASP A 209 -14.48 -33.87 -10.64
CA ASP A 209 -15.51 -33.77 -9.61
C ASP A 209 -16.07 -32.35 -9.49
N LEU A 210 -15.68 -31.46 -10.40
CA LEU A 210 -16.07 -30.05 -10.28
C LEU A 210 -17.59 -29.82 -10.34
N PRO A 211 -18.29 -30.48 -11.27
CA PRO A 211 -19.74 -30.26 -11.35
C PRO A 211 -20.44 -30.55 -10.01
N ALA A 212 -20.10 -31.68 -9.41
CA ALA A 212 -20.67 -32.08 -8.12
C ALA A 212 -20.50 -30.97 -7.09
N GLN A 213 -19.30 -30.40 -7.06
CA GLN A 213 -18.96 -29.33 -6.15
C GLN A 213 -19.73 -28.05 -6.47
N ALA A 214 -19.99 -27.83 -7.76
CA ALA A 214 -20.74 -26.65 -8.22
C ALA A 214 -22.21 -26.72 -7.84
N GLU A 215 -22.78 -27.90 -8.06
CA GLU A 215 -24.17 -28.13 -7.78
C GLU A 215 -24.43 -28.09 -6.26
N ALA A 216 -23.51 -28.68 -5.50
CA ALA A 216 -23.56 -28.61 -4.04
C ALA A 216 -23.46 -27.16 -3.59
N TRP A 217 -22.52 -26.44 -4.21
CA TRP A 217 -22.30 -25.01 -3.93
C TRP A 217 -23.60 -24.24 -4.17
N GLU A 218 -24.15 -24.36 -5.37
CA GLU A 218 -25.34 -23.58 -5.79
C GLU A 218 -26.57 -23.89 -4.92
N ARG A 219 -26.76 -25.16 -4.55
CA ARG A 219 -27.87 -25.55 -3.65
C ARG A 219 -27.72 -24.94 -2.27
N GLU A 220 -26.49 -24.97 -1.75
CA GLU A 220 -26.22 -24.54 -0.38
C GLU A 220 -25.99 -23.02 -0.24
N ILE A 221 -26.12 -22.29 -1.35
CA ILE A 221 -26.28 -20.83 -1.30
C ILE A 221 -27.77 -20.50 -1.34
N THR A 222 -28.52 -21.21 -2.17
CA THR A 222 -29.99 -21.15 -2.12
C THR A 222 -30.50 -21.64 -0.75
N GLU A 223 -29.66 -22.37 -0.02
CA GLU A 223 -29.97 -22.80 1.35
C GLU A 223 -30.27 -21.64 2.26
N THR A 224 -29.44 -20.59 2.21
CA THR A 224 -29.61 -19.44 3.09
C THR A 224 -30.55 -18.48 2.41
N ILE A 225 -31.84 -18.73 2.51
CA ILE A 225 -32.81 -18.01 1.67
C ILE A 225 -34.12 -17.57 2.36
N ALA A 226 -34.06 -17.42 3.68
CA ALA A 226 -35.23 -16.94 4.42
C ALA A 226 -35.36 -15.41 4.27
N GLU A 227 -36.13 -14.99 3.26
CA GLU A 227 -36.54 -13.57 3.07
C GLU A 227 -35.45 -12.66 2.48
N ASP A 228 -34.22 -13.16 2.42
CA ASP A 228 -33.12 -12.37 1.86
C ASP A 228 -33.16 -12.65 0.38
N HIS A 229 -33.52 -11.63 -0.41
CA HIS A 229 -33.88 -11.91 -1.80
C HIS A 229 -33.99 -10.68 -2.70
N GLU A 230 -32.83 -10.18 -3.15
CA GLU A 230 -32.79 -9.19 -4.23
C GLU A 230 -32.73 -9.96 -5.54
N LEU A 231 -32.96 -11.27 -5.42
CA LEU A 231 -32.77 -12.18 -6.53
C LEU A 231 -33.62 -11.80 -7.70
N ALA A 232 -34.89 -11.46 -7.45
CA ALA A 232 -35.77 -11.16 -8.55
C ALA A 232 -35.13 -10.08 -9.40
N GLU A 233 -34.52 -9.09 -8.73
CA GLU A 233 -33.89 -8.00 -9.45
C GLU A 233 -32.85 -8.58 -10.39
N TYR A 234 -31.96 -9.38 -9.81
CA TYR A 234 -30.85 -9.94 -10.56
C TYR A 234 -31.28 -10.92 -11.63
N VAL A 235 -32.16 -11.84 -11.26
CA VAL A 235 -32.58 -12.88 -12.20
C VAL A 235 -33.05 -12.23 -13.49
N GLN A 236 -33.69 -11.06 -13.39
CA GLN A 236 -34.04 -10.33 -14.60
C GLN A 236 -33.73 -8.84 -14.47
N MET B 1 28.80 -8.60 21.55
CA MET B 1 27.66 -7.78 22.03
C MET B 1 26.36 -8.57 21.99
N VAL B 2 25.26 -7.87 22.19
CA VAL B 2 23.95 -8.48 22.27
C VAL B 2 22.95 -7.49 21.65
N VAL B 3 21.92 -7.96 20.96
CA VAL B 3 20.90 -7.05 20.38
C VAL B 3 19.49 -7.20 20.96
N VAL B 4 18.86 -6.07 21.23
CA VAL B 4 17.41 -6.01 21.40
C VAL B 4 16.86 -5.09 20.31
N ALA B 5 16.02 -5.67 19.44
CA ALA B 5 15.39 -4.96 18.34
C ALA B 5 13.86 -4.99 18.45
N ALA B 6 13.22 -4.00 17.84
CA ALA B 6 11.77 -3.97 17.78
C ALA B 6 11.36 -3.18 16.55
N PHE B 7 10.30 -3.64 15.90
CA PHE B 7 9.79 -3.02 14.69
C PHE B 7 8.38 -2.51 14.91
N GLU B 8 8.12 -1.31 14.42
CA GLU B 8 6.83 -0.65 14.62
C GLU B 8 5.66 -1.25 13.78
N GLY B 9 4.49 -0.61 13.86
CA GLY B 9 3.37 -0.90 12.95
C GLY B 9 2.69 -2.25 13.12
N TRP B 10 2.85 -3.12 12.12
CA TRP B 10 2.27 -4.46 12.13
C TRP B 10 2.79 -5.30 13.30
N ASN B 11 4.09 -5.33 13.50
CA ASN B 11 4.69 -6.15 14.52
C ASN B 11 4.57 -5.60 15.92
N ASP B 12 4.05 -4.41 16.09
CA ASP B 12 3.85 -3.84 17.40
C ASP B 12 2.45 -3.35 17.60
N ALA B 13 1.79 -3.90 18.58
CA ALA B 13 0.48 -3.44 18.95
C ALA B 13 0.63 -2.83 20.31
N GLY B 14 -0.10 -1.76 20.57
CA GLY B 14 -0.07 -1.11 21.87
C GLY B 14 1.22 -0.33 22.07
N ASP B 15 2.09 -0.46 21.07
CA ASP B 15 3.41 0.10 21.08
C ASP B 15 4.18 -0.51 22.20
N ALA B 16 3.89 -1.74 22.54
CA ALA B 16 4.56 -2.40 23.60
C ALA B 16 6.04 -2.66 23.40
N ALA B 17 6.44 -3.17 22.25
CA ALA B 17 7.85 -3.45 21.92
C ALA B 17 8.62 -2.19 21.67
N GLY B 18 8.02 -1.23 20.98
CA GLY B 18 8.66 0.06 20.73
C GLY B 18 8.99 0.73 22.05
N ASP B 19 7.98 0.81 22.92
CA ASP B 19 8.14 1.38 24.27
C ASP B 19 9.16 0.61 25.10
N ALA B 20 9.19 -0.71 24.96
CA ALA B 20 10.20 -1.50 25.65
C ALA B 20 11.61 -1.04 25.28
N VAL B 21 11.89 -0.97 23.97
CA VAL B 21 13.22 -0.56 23.55
C VAL B 21 13.48 0.90 23.94
N ALA B 22 12.44 1.73 23.89
CA ALA B 22 12.57 3.13 24.25
C ALA B 22 13.02 3.24 25.69
N HIS B 23 12.41 2.42 26.53
CA HIS B 23 12.67 2.40 27.96
C HIS B 23 14.08 1.94 28.31
N LEU B 24 14.61 1.01 27.52
CA LEU B 24 15.99 0.57 27.67
C LEU B 24 16.90 1.72 27.33
N ALA B 25 16.61 2.40 26.23
CA ALA B 25 17.48 3.48 25.73
C ALA B 25 17.49 4.71 26.65
N ALA B 26 16.37 4.92 27.33
CA ALA B 26 16.25 6.01 28.29
C ALA B 26 17.05 5.63 29.51
N SER B 27 16.77 4.45 30.05
CA SER B 27 17.33 3.99 31.30
C SER B 27 18.83 3.94 31.22
N TRP B 28 19.33 3.23 30.24
CA TRP B 28 20.77 3.05 30.09
C TRP B 28 21.45 4.12 29.21
N GLN B 29 20.70 5.13 28.76
CA GLN B 29 21.25 6.28 28.02
C GLN B 29 22.05 5.89 26.78
N ALA B 30 21.34 5.39 25.77
CA ALA B 30 21.97 4.76 24.64
C ALA B 30 22.53 5.82 23.70
N LEU B 31 23.63 5.49 23.03
CA LEU B 31 24.32 6.39 22.12
C LEU B 31 24.01 6.00 20.67
N PRO B 32 23.31 6.88 19.92
CA PRO B 32 23.09 6.63 18.50
C PRO B 32 24.41 6.43 17.74
N ILE B 33 24.41 5.47 16.82
CA ILE B 33 25.60 5.19 16.02
C ILE B 33 25.26 5.03 14.54
N VAL B 34 24.29 4.17 14.25
CA VAL B 34 23.86 3.93 12.86
C VAL B 34 22.37 4.20 12.65
N GLU B 35 22.06 4.81 11.52
CA GLU B 35 20.68 5.07 11.10
C GLU B 35 20.48 4.65 9.64
N ILE B 36 19.61 3.67 9.40
CA ILE B 36 19.36 3.16 8.04
C ILE B 36 18.14 3.86 7.41
N ASP B 37 18.48 4.76 6.50
CA ASP B 37 17.60 5.80 5.96
C ASP B 37 17.12 5.42 4.58
N ASP B 38 17.64 4.32 4.04
CA ASP B 38 17.63 4.08 2.61
C ASP B 38 16.23 4.01 2.03
N GLU B 39 16.08 4.66 0.88
CA GLU B 39 14.81 4.72 0.14
C GLU B 39 14.57 3.44 -0.68
N ALA B 40 15.55 2.55 -0.72
CA ALA B 40 15.34 1.19 -1.24
C ALA B 40 14.34 0.39 -0.41
N TYR B 41 14.19 0.73 0.87
CA TYR B 41 13.36 -0.04 1.80
C TYR B 41 11.96 0.51 2.05
N TYR B 42 11.72 1.79 1.74
CA TYR B 42 10.50 2.50 2.20
C TYR B 42 9.55 3.05 1.12
N ASP B 43 8.27 2.66 1.25
CA ASP B 43 7.12 3.18 0.50
C ASP B 43 6.60 4.34 1.32
N TYR B 44 6.70 5.55 0.77
CA TYR B 44 6.50 6.77 1.54
C TYR B 44 5.06 7.26 1.61
N GLN B 45 4.15 6.66 0.86
CA GLN B 45 2.73 6.92 1.10
C GLN B 45 2.28 6.11 2.32
N VAL B 46 2.91 4.95 2.53
CA VAL B 46 2.53 4.10 3.63
C VAL B 46 3.16 4.66 4.89
N ASN B 47 4.49 4.75 4.87
CA ASN B 47 5.25 5.38 5.94
C ASN B 47 5.60 6.81 5.54
N ARG B 48 4.71 7.76 5.84
CA ARG B 48 4.94 9.16 5.47
C ARG B 48 6.03 9.82 6.31
N PRO B 49 6.71 10.84 5.77
CA PRO B 49 7.64 11.54 6.62
C PRO B 49 6.87 12.52 7.45
N VAL B 50 7.51 12.97 8.52
CA VAL B 50 6.91 13.92 9.46
C VAL B 50 7.51 15.30 9.23
N ILE B 51 6.63 16.27 8.96
CA ILE B 51 7.02 17.66 8.81
C ILE B 51 6.80 18.42 10.12
N ARG B 52 7.65 19.42 10.37
CA ARG B 52 7.42 20.36 11.46
C ARG B 52 7.52 21.78 10.91
N GLN B 53 6.40 22.51 10.97
CA GLN B 53 6.30 23.88 10.44
C GLN B 53 5.86 24.88 11.49
N VAL B 54 6.61 25.96 11.57
CA VAL B 54 6.39 27.00 12.57
C VAL B 54 6.37 28.36 11.89
N ASP B 55 5.28 29.10 12.11
CA ASP B 55 5.11 30.47 11.65
C ASP B 55 5.37 30.64 10.14
N GLY B 56 4.78 29.74 9.36
CA GLY B 56 4.86 29.82 7.90
C GLY B 56 6.06 29.16 7.27
N VAL B 57 6.93 28.55 8.07
CA VAL B 57 8.11 27.84 7.52
C VAL B 57 8.31 26.46 8.10
N THR B 58 8.74 25.53 7.27
CA THR B 58 9.05 24.20 7.76
C THR B 58 10.39 24.31 8.46
N ARG B 59 10.47 23.75 9.65
CA ARG B 59 11.69 23.76 10.43
C ARG B 59 12.32 22.37 10.54
N GLU B 60 11.56 21.32 10.28
CA GLU B 60 12.10 19.97 10.36
C GLU B 60 11.37 18.95 9.48
N LEU B 61 12.16 18.04 8.92
CA LEU B 61 11.67 16.96 8.10
C LEU B 61 12.27 15.65 8.59
N GLN B 62 11.40 14.70 8.91
CA GLN B 62 11.81 13.46 9.54
C GLN B 62 11.42 12.28 8.68
N TRP B 63 12.42 11.56 8.18
CA TRP B 63 12.21 10.40 7.31
C TRP B 63 12.16 9.08 8.06
N PRO B 64 11.23 8.19 7.67
CA PRO B 64 11.22 6.88 8.29
C PRO B 64 12.55 6.20 8.11
N ALA B 65 12.98 5.45 9.12
CA ALA B 65 14.30 4.84 9.11
C ALA B 65 14.45 3.85 10.22
N MET B 66 15.61 3.18 10.22
CA MET B 66 15.98 2.24 11.25
C MET B 66 17.10 2.87 12.08
N ARG B 67 16.80 3.16 13.36
CA ARG B 67 17.80 3.73 14.30
C ARG B 67 18.50 2.62 15.09
N ILE B 68 19.83 2.63 15.03
CA ILE B 68 20.64 1.70 15.79
C ILE B 68 21.49 2.51 16.76
N SER B 69 21.37 2.19 18.05
CA SER B 69 22.14 2.88 19.09
C SER B 69 22.82 1.89 20.03
N HIS B 70 23.80 2.38 20.81
CA HIS B 70 24.62 1.50 21.67
C HIS B 70 24.50 1.83 23.15
N CYS B 71 24.69 0.79 23.95
CA CYS B 71 24.33 0.80 25.35
C CYS B 71 25.28 -0.04 26.20
N ARG B 72 25.39 0.33 27.47
CA ARG B 72 26.11 -0.43 28.49
C ARG B 72 25.39 -0.32 29.82
N PRO B 73 24.62 -1.35 30.21
CA PRO B 73 24.02 -1.33 31.54
C PRO B 73 25.12 -1.20 32.60
N PRO B 74 24.85 -0.42 33.67
CA PRO B 74 25.95 -0.02 34.56
C PRO B 74 26.79 -1.10 35.21
N GLY B 75 26.17 -2.10 35.82
CA GLY B 75 26.95 -3.15 36.48
C GLY B 75 27.66 -3.94 35.40
N SER B 76 26.91 -4.12 34.32
CA SER B 76 27.24 -5.07 33.28
C SER B 76 28.52 -4.80 32.50
N ASP B 77 29.06 -5.96 32.15
CA ASP B 77 30.12 -6.22 31.21
C ASP B 77 29.67 -5.90 29.78
N ARG B 78 28.39 -6.14 29.53
CA ARG B 78 27.88 -6.38 28.19
C ARG B 78 27.27 -5.16 27.52
N ASP B 79 27.66 -5.01 26.26
CA ASP B 79 27.12 -4.01 25.38
C ASP B 79 25.78 -4.50 24.90
N VAL B 80 24.85 -3.57 24.83
CA VAL B 80 23.54 -3.85 24.32
C VAL B 80 23.36 -2.94 23.13
N VAL B 81 23.06 -3.53 21.98
CA VAL B 81 22.80 -2.75 20.77
C VAL B 81 21.31 -2.75 20.49
N LEU B 82 20.74 -1.56 20.44
CA LEU B 82 19.29 -1.38 20.31
C LEU B 82 18.94 -1.01 18.90
N MET B 83 17.83 -1.55 18.40
CA MET B 83 17.34 -1.26 17.07
C MET B 83 15.86 -0.93 17.13
N CYS B 84 15.48 0.17 16.51
CA CYS B 84 14.09 0.57 16.57
C CYS B 84 13.70 1.38 15.37
N GLY B 85 12.55 1.05 14.81
CA GLY B 85 12.07 1.74 13.62
C GLY B 85 11.00 0.98 12.89
N VAL B 86 10.41 1.66 11.92
CA VAL B 86 9.28 1.13 11.18
C VAL B 86 9.67 -0.03 10.27
N GLU B 87 8.70 -0.92 10.08
CA GLU B 87 8.89 -2.07 9.25
C GLU B 87 8.99 -1.66 7.78
N PRO B 88 10.13 -1.90 7.14
CA PRO B 88 10.21 -1.52 5.75
C PRO B 88 9.09 -2.13 4.90
N ASN B 89 8.84 -1.52 3.75
CA ASN B 89 7.88 -2.04 2.80
C ASN B 89 8.48 -2.96 1.74
N MET B 90 9.80 -2.98 1.60
CA MET B 90 10.43 -3.70 0.48
C MET B 90 11.90 -4.04 0.69
N ARG B 91 12.42 -4.88 -0.20
CA ARG B 91 13.78 -5.40 -0.14
C ARG B 91 14.19 -5.93 1.24
N TRP B 92 13.23 -6.57 1.90
CA TRP B 92 13.43 -7.23 3.19
C TRP B 92 14.70 -8.09 3.21
N ARG B 93 14.86 -8.93 2.21
CA ARG B 93 16.07 -9.80 2.14
C ARG B 93 17.39 -9.04 2.28
N THR B 94 17.52 -7.94 1.55
CA THR B 94 18.71 -7.10 1.57
C THR B 94 18.80 -6.20 2.80
N PHE B 95 17.63 -5.83 3.33
CA PHE B 95 17.50 -5.09 4.59
C PHE B 95 18.08 -5.92 5.71
N CYS B 96 17.74 -7.21 5.71
CA CYS B 96 18.22 -8.12 6.73
C CYS B 96 19.72 -8.38 6.59
N ASP B 97 20.18 -8.57 5.35
CA ASP B 97 21.63 -8.66 5.06
C ASP B 97 22.39 -7.44 5.59
N GLU B 98 21.80 -6.25 5.41
CA GLU B 98 22.43 -5.01 5.89
C GLU B 98 22.60 -5.08 7.42
N LEU B 99 21.50 -5.28 8.14
CA LEU B 99 21.52 -5.40 9.60
C LEU B 99 22.54 -6.42 10.04
N LEU B 100 22.56 -7.56 9.37
CA LEU B 100 23.57 -8.60 9.64
C LEU B 100 25.03 -8.11 9.51
N ALA B 101 25.29 -7.26 8.52
CA ALA B 101 26.62 -6.67 8.36
C ALA B 101 26.97 -5.79 9.55
N VAL B 102 25.97 -5.09 10.07
CA VAL B 102 26.14 -4.29 11.30
C VAL B 102 26.47 -5.26 12.42
N ILE B 103 25.69 -6.32 12.49
CA ILE B 103 25.88 -7.37 13.50
C ILE B 103 27.27 -7.97 13.43
N ASP B 104 27.75 -8.19 12.21
CA ASP B 104 29.05 -8.81 12.00
C ASP B 104 30.15 -7.90 12.54
N LYS B 105 30.13 -6.63 12.15
CA LYS B 105 31.17 -5.66 12.56
C LYS B 105 31.27 -5.46 14.06
N LEU B 106 30.11 -5.57 14.70
CA LEU B 106 30.00 -5.33 16.11
C LEU B 106 30.15 -6.61 16.92
N ASN B 107 30.35 -7.73 16.24
CA ASN B 107 30.50 -9.03 16.92
C ASN B 107 29.38 -9.29 17.90
N VAL B 108 28.18 -9.45 17.36
CA VAL B 108 27.03 -9.71 18.18
C VAL B 108 26.87 -11.21 18.41
N ASP B 109 26.63 -11.57 19.67
CA ASP B 109 26.43 -12.96 20.08
C ASP B 109 25.00 -13.40 19.87
N THR B 110 24.06 -12.54 20.26
CA THR B 110 22.66 -12.92 20.46
C THR B 110 21.73 -11.80 20.04
N VAL B 111 20.62 -12.17 19.41
CA VAL B 111 19.62 -11.19 19.05
C VAL B 111 18.29 -11.51 19.71
N VAL B 112 17.62 -10.47 20.18
CA VAL B 112 16.31 -10.59 20.81
C VAL B 112 15.33 -9.63 20.15
N ILE B 113 14.33 -10.16 19.48
CA ILE B 113 13.36 -9.32 18.79
C ILE B 113 12.03 -9.25 19.54
N LEU B 114 11.64 -8.05 19.93
CA LEU B 114 10.36 -7.87 20.63
C LEU B 114 9.23 -7.47 19.70
N GLY B 115 8.05 -8.02 19.97
CA GLY B 115 6.84 -7.63 19.26
C GLY B 115 5.58 -7.76 20.11
N ALA B 116 4.46 -7.31 19.54
CA ALA B 116 3.18 -7.37 20.22
C ALA B 116 2.03 -7.46 19.23
N LEU B 117 1.02 -8.22 19.61
CA LEU B 117 -0.11 -8.51 18.76
C LEU B 117 -1.41 -8.36 19.52
N LEU B 118 -2.50 -8.09 18.78
CA LEU B 118 -3.84 -8.04 19.36
C LEU B 118 -4.41 -9.44 19.42
N ALA B 119 -4.87 -9.82 20.60
CA ALA B 119 -5.51 -11.12 20.79
C ALA B 119 -6.76 -11.00 21.65
N ASP B 120 -7.50 -12.11 21.70
CA ASP B 120 -8.62 -12.27 22.62
C ASP B 120 -8.03 -12.65 23.98
N THR B 121 -7.92 -11.67 24.88
CA THR B 121 -7.31 -11.89 26.19
C THR B 121 -7.78 -10.82 27.19
N PRO B 122 -8.00 -11.20 28.46
CA PRO B 122 -8.46 -10.19 29.42
C PRO B 122 -7.38 -9.18 29.77
N HIS B 123 -7.80 -7.97 30.11
CA HIS B 123 -6.89 -6.94 30.62
C HIS B 123 -6.72 -7.06 32.13
N THR B 124 -7.52 -7.93 32.74
CA THR B 124 -7.51 -8.11 34.19
C THR B 124 -6.64 -9.27 34.64
N ARG B 125 -5.96 -9.91 33.68
CA ARG B 125 -5.07 -11.03 33.98
C ARG B 125 -3.78 -10.93 33.16
N PRO B 126 -2.71 -11.64 33.60
CA PRO B 126 -1.38 -11.48 33.02
C PRO B 126 -1.30 -11.46 31.50
N VAL B 127 -0.16 -11.00 31.02
CA VAL B 127 0.09 -10.85 29.58
C VAL B 127 0.56 -12.19 29.02
N PRO B 128 -0.19 -12.75 28.06
CA PRO B 128 0.32 -13.94 27.40
C PRO B 128 1.49 -13.61 26.49
N VAL B 129 2.56 -14.38 26.58
CA VAL B 129 3.73 -14.18 25.75
C VAL B 129 3.96 -15.39 24.89
N SER B 130 4.20 -15.16 23.61
CA SER B 130 4.48 -16.24 22.68
C SER B 130 5.71 -15.93 21.82
N GLY B 131 6.19 -16.92 21.09
CA GLY B 131 7.32 -16.67 20.21
C GLY B 131 8.04 -17.89 19.66
N ALA B 132 9.25 -17.65 19.16
CA ALA B 132 10.07 -18.69 18.59
C ALA B 132 11.55 -18.42 18.85
N ALA B 133 12.37 -19.46 18.69
CA ALA B 133 13.78 -19.40 19.05
C ALA B 133 14.62 -20.16 18.02
N TYR B 134 15.94 -20.27 18.25
CA TYR B 134 16.88 -20.84 17.24
C TYR B 134 16.96 -22.37 17.19
N SER B 135 16.59 -23.04 18.28
CA SER B 135 16.58 -24.49 18.33
C SER B 135 15.52 -24.88 19.35
N ALA B 136 15.08 -26.12 19.23
CA ALA B 136 14.01 -26.67 20.09
C ALA B 136 14.51 -26.84 21.54
N ALA B 137 15.80 -27.10 21.64
CA ALA B 137 16.50 -27.05 22.91
C ALA B 137 16.37 -25.64 23.48
N SER B 138 16.46 -24.62 22.62
CA SER B 138 16.35 -23.22 23.07
C SER B 138 14.92 -22.79 23.30
N ALA B 139 13.96 -23.56 22.82
CA ALA B 139 12.55 -23.23 23.08
C ALA B 139 12.17 -23.58 24.53
N ARG B 140 13.17 -23.96 25.33
CA ARG B 140 13.01 -24.08 26.78
C ARG B 140 12.01 -23.11 27.38
N GLN B 141 12.06 -21.88 26.84
CA GLN B 141 11.18 -20.76 27.21
C GLN B 141 9.78 -20.97 26.61
N PHE B 142 9.69 -21.72 25.50
CA PHE B 142 8.40 -22.16 24.93
C PHE B 142 8.24 -23.62 24.45
N GLY B 143 7.17 -24.27 24.90
CA GLY B 143 6.67 -25.44 24.21
C GLY B 143 5.84 -25.02 23.00
N LEU B 144 4.80 -24.22 23.27
CA LEU B 144 3.78 -23.80 22.28
C LEU B 144 3.89 -22.26 22.01
N GLN B 145 3.43 -21.76 20.85
CA GLN B 145 3.91 -20.45 20.32
C GLN B 145 2.87 -19.42 19.79
N GLU B 146 3.31 -18.55 18.89
CA GLU B 146 2.63 -17.30 18.47
C GLU B 146 1.36 -17.42 17.61
N THR B 147 0.55 -16.35 17.61
CA THR B 147 -0.77 -16.36 16.98
C THR B 147 -0.78 -17.10 15.62
N ARG B 148 0.23 -16.84 14.77
CA ARG B 148 0.41 -17.59 13.49
C ARG B 148 1.60 -18.55 13.56
N TYR B 149 1.31 -19.82 13.84
CA TYR B 149 2.30 -20.88 13.68
C TYR B 149 2.51 -21.07 12.20
N GLU B 150 1.40 -21.01 11.46
CA GLU B 150 1.39 -20.92 10.00
C GLU B 150 0.53 -19.73 9.59
N GLY B 151 1.06 -18.92 8.68
CA GLY B 151 0.38 -17.70 8.21
C GLY B 151 1.37 -16.59 7.89
N PRO B 152 0.87 -15.40 7.50
CA PRO B 152 1.70 -14.27 7.12
C PRO B 152 2.60 -13.82 8.25
N THR B 153 3.86 -13.47 7.94
CA THR B 153 4.79 -12.93 8.94
C THR B 153 5.16 -11.48 8.66
N GLY B 154 5.92 -10.88 9.58
CA GLY B 154 6.46 -9.54 9.40
C GLY B 154 7.98 -9.59 9.40
N ILE B 155 8.59 -8.42 9.42
CA ILE B 155 10.05 -8.30 9.39
C ILE B 155 10.70 -8.92 10.62
N ALA B 156 10.00 -8.88 11.74
CA ALA B 156 10.48 -9.51 12.97
C ALA B 156 10.83 -10.98 12.69
N GLY B 157 9.86 -11.75 12.23
CA GLY B 157 10.04 -13.17 11.97
C GLY B 157 11.06 -13.46 10.89
N VAL B 158 11.10 -12.61 9.87
CA VAL B 158 12.04 -12.79 8.77
C VAL B 158 13.47 -12.59 9.27
N PHE B 159 13.66 -11.46 9.95
CA PHE B 159 14.97 -11.07 10.46
C PHE B 159 15.42 -12.13 11.44
N GLN B 160 14.49 -12.58 12.25
CA GLN B 160 14.77 -13.66 13.20
C GLN B 160 15.36 -14.82 12.43
N SER B 161 14.64 -15.25 11.40
CA SER B 161 15.01 -16.33 10.52
C SER B 161 16.31 -16.10 9.75
N ALA B 162 16.58 -14.85 9.40
CA ALA B 162 17.85 -14.49 8.78
C ALA B 162 19.02 -14.66 9.76
N CYS B 163 18.78 -14.44 11.04
CA CYS B 163 19.84 -14.56 12.05
C CYS B 163 20.20 -16.02 12.25
N VAL B 164 19.18 -16.82 12.53
CA VAL B 164 19.31 -18.28 12.61
C VAL B 164 20.11 -18.87 11.41
N GLY B 165 19.71 -18.53 10.18
CA GLY B 165 20.45 -18.90 9.00
C GLY B 165 21.89 -18.39 8.99
N ALA B 166 22.11 -17.23 9.59
CA ALA B 166 23.45 -16.63 9.59
C ALA B 166 24.30 -17.25 10.68
N GLY B 167 23.64 -18.00 11.57
CA GLY B 167 24.30 -18.67 12.68
C GLY B 167 24.31 -17.89 13.98
N ILE B 168 23.67 -16.72 14.00
CA ILE B 168 23.50 -15.99 15.26
C ILE B 168 22.24 -16.49 15.99
N PRO B 169 22.40 -16.90 17.24
CA PRO B 169 21.23 -17.20 18.05
C PRO B 169 20.25 -16.05 18.04
N ALA B 170 18.97 -16.34 17.83
CA ALA B 170 17.97 -15.30 17.84
C ALA B 170 16.62 -15.77 18.36
N VAL B 171 16.02 -14.96 19.21
CA VAL B 171 14.73 -15.27 19.78
C VAL B 171 13.77 -14.11 19.60
N THR B 172 12.51 -14.41 19.28
CA THR B 172 11.48 -13.39 19.27
C THR B 172 10.42 -13.69 20.34
N PHE B 173 9.96 -12.64 21.02
CA PHE B 173 8.86 -12.72 21.97
C PHE B 173 7.71 -11.84 21.54
N TRP B 174 6.49 -12.34 21.67
CA TRP B 174 5.28 -11.61 21.27
C TRP B 174 4.36 -11.48 22.44
N ALA B 175 4.02 -10.25 22.80
CA ALA B 175 3.11 -9.98 23.92
C ALA B 175 1.67 -9.84 23.42
N ALA B 176 0.72 -10.46 24.11
CA ALA B 176 -0.70 -10.43 23.70
C ALA B 176 -1.48 -9.30 24.36
N VAL B 177 -1.86 -8.32 23.55
CA VAL B 177 -2.61 -7.15 24.00
C VAL B 177 -4.10 -7.33 23.70
N PRO B 178 -4.96 -6.99 24.68
CA PRO B 178 -6.41 -7.05 24.47
C PRO B 178 -6.86 -6.11 23.35
N HIS B 179 -7.54 -6.66 22.34
CA HIS B 179 -7.92 -5.89 21.15
C HIS B 179 -8.82 -4.68 21.44
N TYR B 180 -9.61 -4.76 22.51
CA TYR B 180 -10.55 -3.69 22.89
C TYR B 180 -9.89 -2.44 23.46
N VAL B 181 -8.75 -2.62 24.13
CA VAL B 181 -7.88 -1.50 24.49
C VAL B 181 -6.62 -1.52 23.60
N SER B 182 -6.72 -0.93 22.42
CA SER B 182 -5.61 -0.90 21.47
C SER B 182 -4.75 0.38 21.60
N HIS B 183 -5.27 1.43 22.26
CA HIS B 183 -4.55 2.71 22.33
C HIS B 183 -3.15 2.53 22.90
N PRO B 184 -2.14 3.14 22.27
CA PRO B 184 -0.77 2.71 22.53
C PRO B 184 -0.03 3.44 23.65
N PRO B 185 -0.69 3.67 24.79
CA PRO B 185 0.16 3.77 25.97
C PRO B 185 0.05 2.55 26.87
N ASN B 186 0.39 1.36 26.36
CA ASN B 186 0.34 0.15 27.18
C ASN B 186 1.69 -0.15 27.86
N PRO B 187 1.73 -0.14 29.20
CA PRO B 187 2.93 -0.44 29.99
C PRO B 187 3.02 -1.89 30.46
N LYS B 188 1.87 -2.54 30.58
CA LYS B 188 1.78 -3.88 31.13
C LYS B 188 2.60 -4.86 30.30
N ALA B 189 2.39 -4.84 28.99
CA ALA B 189 3.06 -5.77 28.09
C ALA B 189 4.52 -5.36 27.95
N THR B 190 4.77 -4.05 27.97
CA THR B 190 6.13 -3.55 27.92
C THR B 190 6.93 -4.17 29.06
N ILE B 191 6.33 -4.19 30.25
CA ILE B 191 6.96 -4.84 31.38
C ILE B 191 7.30 -6.27 31.00
N ALA B 192 6.26 -7.00 30.59
CA ALA B 192 6.40 -8.41 30.24
C ALA B 192 7.53 -8.63 29.25
N LEU B 193 7.58 -7.83 28.21
CA LEU B 193 8.64 -7.98 27.19
C LEU B 193 10.01 -7.72 27.79
N LEU B 194 10.08 -6.71 28.64
CA LEU B 194 11.33 -6.36 29.29
C LEU B 194 11.85 -7.51 30.13
N ARG B 195 10.94 -8.22 30.79
CA ARG B 195 11.32 -9.34 31.62
C ARG B 195 11.89 -10.46 30.78
N ARG B 196 11.34 -10.66 29.59
CA ARG B 196 11.90 -11.64 28.65
C ARG B 196 13.31 -11.23 28.25
N VAL B 197 13.55 -9.93 28.15
CA VAL B 197 14.89 -9.42 27.85
C VAL B 197 15.86 -9.75 28.97
N GLU B 198 15.44 -9.54 30.21
CA GLU B 198 16.21 -9.99 31.36
C GLU B 198 16.55 -11.46 31.20
N ASP B 199 15.54 -12.26 30.93
CA ASP B 199 15.69 -13.73 30.87
C ASP B 199 16.74 -14.17 29.87
N VAL B 200 16.77 -13.56 28.70
CA VAL B 200 17.72 -13.95 27.67
C VAL B 200 19.12 -13.40 27.92
N LEU B 201 19.20 -12.11 28.20
CA LEU B 201 20.47 -11.41 28.31
C LEU B 201 21.08 -11.50 29.71
N ASP B 202 20.26 -11.89 30.69
CA ASP B 202 20.68 -11.94 32.09
C ASP B 202 21.37 -10.66 32.54
N VAL B 203 20.66 -9.54 32.43
CA VAL B 203 21.03 -8.31 33.11
C VAL B 203 19.74 -7.70 33.61
N GLU B 204 19.71 -7.26 34.86
CA GLU B 204 18.48 -6.73 35.40
C GLU B 204 18.19 -5.40 34.73
N VAL B 205 16.93 -5.17 34.38
CA VAL B 205 16.49 -3.89 33.81
C VAL B 205 15.56 -3.18 34.81
N PRO B 206 15.92 -1.93 35.17
CA PRO B 206 15.16 -1.14 36.10
C PRO B 206 13.86 -0.73 35.48
N LEU B 207 12.77 -1.09 36.12
CA LEU B 207 11.46 -0.79 35.57
C LEU B 207 10.98 0.58 35.98
N ALA B 208 11.59 1.14 37.01
CA ALA B 208 11.25 2.48 37.52
C ALA B 208 9.77 2.59 37.94
N ASP B 209 8.99 3.40 37.22
CA ASP B 209 7.62 3.72 37.58
C ASP B 209 6.59 2.97 36.73
N LEU B 210 7.04 1.96 35.97
CA LEU B 210 6.14 1.23 35.06
C LEU B 210 5.00 0.53 35.80
N PRO B 211 5.30 -0.13 36.93
CA PRO B 211 4.22 -0.81 37.64
C PRO B 211 3.07 0.13 38.01
N ALA B 212 3.41 1.28 38.56
CA ALA B 212 2.41 2.30 38.93
C ALA B 212 1.51 2.64 37.75
N GLN B 213 2.13 2.81 36.59
CA GLN B 213 1.42 3.13 35.36
C GLN B 213 0.55 1.97 34.90
N ALA B 214 1.01 0.75 35.16
CA ALA B 214 0.27 -0.46 34.78
C ALA B 214 -0.98 -0.65 35.64
N GLU B 215 -0.81 -0.46 36.94
CA GLU B 215 -1.90 -0.64 37.88
C GLU B 215 -2.94 0.46 37.69
N ALA B 216 -2.48 1.68 37.43
CA ALA B 216 -3.38 2.80 37.11
C ALA B 216 -4.13 2.48 35.82
N TRP B 217 -3.39 1.98 34.83
CA TRP B 217 -3.96 1.57 33.54
C TRP B 217 -5.06 0.54 33.76
N GLU B 218 -4.72 -0.56 34.42
CA GLU B 218 -5.64 -1.68 34.62
C GLU B 218 -6.91 -1.30 35.42
N ARG B 219 -6.75 -0.45 36.43
CA ARG B 219 -7.88 0.04 37.24
C ARG B 219 -8.83 0.93 36.41
N GLU B 220 -8.24 1.78 35.59
CA GLU B 220 -8.98 2.76 34.81
C GLU B 220 -9.58 2.18 33.52
N ILE B 221 -9.30 0.91 33.24
CA ILE B 221 -10.02 0.17 32.18
C ILE B 221 -11.19 -0.58 32.81
N THR B 222 -10.95 -1.18 33.98
CA THR B 222 -12.01 -1.78 34.80
C THR B 222 -13.02 -0.73 35.25
N GLU B 223 -12.60 0.53 35.26
CA GLU B 223 -13.51 1.64 35.56
C GLU B 223 -14.66 1.75 34.53
N THR B 224 -14.32 1.70 33.24
CA THR B 224 -15.28 1.96 32.16
C THR B 224 -16.10 0.74 31.80
N ILE B 225 -17.24 0.58 32.45
CA ILE B 225 -18.15 -0.45 32.03
C ILE B 225 -19.63 -0.15 32.26
N ALA B 226 -20.44 -0.53 31.28
CA ALA B 226 -21.79 -0.96 31.52
C ALA B 226 -22.04 -2.06 30.51
N GLU B 227 -22.87 -3.05 30.87
CA GLU B 227 -23.40 -4.02 29.88
C GLU B 227 -22.34 -5.03 29.39
N ASP B 228 -21.07 -4.79 29.76
CA ASP B 228 -19.92 -5.25 29.01
C ASP B 228 -18.96 -6.06 29.85
N HIS B 229 -19.49 -6.96 30.68
CA HIS B 229 -18.67 -7.91 31.41
C HIS B 229 -18.30 -8.98 30.40
N GLU B 230 -17.82 -8.53 29.23
CA GLU B 230 -17.30 -9.42 28.22
C GLU B 230 -16.04 -10.06 28.81
N LEU B 231 -15.42 -9.33 29.71
CA LEU B 231 -14.29 -9.80 30.49
C LEU B 231 -14.59 -11.05 31.29
N ALA B 232 -15.82 -11.17 31.79
CA ALA B 232 -16.27 -12.40 32.41
C ALA B 232 -16.26 -13.50 31.35
N GLU B 233 -16.62 -13.12 30.13
CA GLU B 233 -16.49 -14.02 28.98
C GLU B 233 -15.05 -14.57 28.90
N TYR B 234 -14.03 -13.71 29.05
CA TYR B 234 -12.63 -14.15 29.05
C TYR B 234 -12.01 -14.52 30.42
N VAL B 235 -12.78 -14.48 31.52
CA VAL B 235 -12.53 -15.39 32.67
C VAL B 235 -12.33 -16.74 32.03
N GLN B 236 -13.25 -17.04 31.10
CA GLN B 236 -12.94 -17.89 29.94
C GLN B 236 -14.15 -18.23 29.09
N MET C 1 12.29 31.19 -15.51
CA MET C 1 10.84 30.79 -15.58
C MET C 1 10.20 30.76 -14.17
N VAL C 2 8.98 30.24 -14.09
CA VAL C 2 8.25 30.10 -12.81
C VAL C 2 7.47 28.80 -12.86
N VAL C 3 7.32 28.12 -11.72
CA VAL C 3 6.53 26.86 -11.72
C VAL C 3 5.24 26.93 -10.89
N VAL C 4 4.18 26.36 -11.45
CA VAL C 4 3.00 25.99 -10.66
C VAL C 4 2.83 24.48 -10.78
N ALA C 5 2.92 23.79 -9.64
CA ALA C 5 2.80 22.33 -9.56
C ALA C 5 1.65 21.93 -8.64
N ALA C 6 1.13 20.73 -8.86
CA ALA C 6 0.08 20.17 -8.02
C ALA C 6 0.12 18.67 -8.10
N PHE C 7 -0.09 18.01 -6.97
CA PHE C 7 -0.02 16.56 -6.87
C PHE C 7 -1.35 15.99 -6.45
N GLU C 8 -1.76 14.90 -7.11
CA GLU C 8 -3.08 14.30 -6.91
C GLU C 8 -3.22 13.55 -5.58
N GLY C 9 -4.37 12.90 -5.39
CA GLY C 9 -4.57 11.94 -4.29
C GLY C 9 -4.62 12.53 -2.88
N TRP C 10 -3.59 12.21 -2.09
CA TRP C 10 -3.48 12.68 -0.71
C TRP C 10 -3.44 14.21 -0.66
N ASN C 11 -2.55 14.83 -1.40
CA ASN C 11 -2.37 16.27 -1.39
C ASN C 11 -3.42 17.08 -2.08
N ASP C 12 -4.30 16.47 -2.84
CA ASP C 12 -5.39 17.18 -3.46
C ASP C 12 -6.72 16.62 -3.06
N ALA C 13 -7.50 17.43 -2.39
CA ALA C 13 -8.80 17.01 -1.95
C ALA C 13 -9.74 17.82 -2.78
N GLY C 14 -10.81 17.21 -3.23
CA GLY C 14 -11.84 17.94 -3.96
C GLY C 14 -11.41 18.22 -5.38
N ASP C 15 -10.21 17.76 -5.71
CA ASP C 15 -9.55 18.02 -6.95
C ASP C 15 -9.45 19.51 -7.16
N ALA C 16 -9.11 20.26 -6.13
CA ALA C 16 -9.00 21.71 -6.24
C ALA C 16 -7.72 22.11 -6.96
N ALA C 17 -6.59 21.61 -6.44
CA ALA C 17 -5.27 21.94 -7.00
C ALA C 17 -5.08 21.36 -8.40
N GLY C 18 -5.52 20.13 -8.61
CA GLY C 18 -5.43 19.51 -9.93
C GLY C 18 -6.19 20.33 -10.95
N ASP C 19 -7.45 20.66 -10.59
CA ASP C 19 -8.30 21.52 -11.43
C ASP C 19 -7.71 22.91 -11.63
N ALA C 20 -7.08 23.46 -10.61
CA ALA C 20 -6.42 24.76 -10.77
C ALA C 20 -5.38 24.68 -11.89
N VAL C 21 -4.48 23.69 -11.82
CA VAL C 21 -3.44 23.58 -12.84
C VAL C 21 -4.04 23.26 -14.20
N ALA C 22 -5.09 22.46 -14.19
CA ALA C 22 -5.78 22.10 -15.44
C ALA C 22 -6.27 23.35 -16.10
N HIS C 23 -6.84 24.25 -15.29
CA HIS C 23 -7.46 25.49 -15.76
C HIS C 23 -6.45 26.45 -16.35
N LEU C 24 -5.26 26.48 -15.77
CA LEU C 24 -4.16 27.28 -16.29
C LEU C 24 -3.77 26.74 -17.64
N ALA C 25 -3.64 25.42 -17.75
CA ALA C 25 -3.16 24.78 -18.98
C ALA C 25 -4.15 24.89 -20.13
N ALA C 26 -5.43 24.95 -19.78
CA ALA C 26 -6.50 25.12 -20.74
C ALA C 26 -6.49 26.56 -21.21
N SER C 27 -6.52 27.48 -20.25
CA SER C 27 -6.62 28.91 -20.54
C SER C 27 -5.45 29.37 -21.39
N TRP C 28 -4.24 29.11 -20.92
CA TRP C 28 -3.05 29.56 -21.63
C TRP C 28 -2.49 28.57 -22.65
N GLN C 29 -3.19 27.46 -22.86
CA GLN C 29 -2.83 26.46 -23.91
C GLN C 29 -1.39 25.94 -23.79
N ALA C 30 -1.14 25.16 -22.75
CA ALA C 30 0.21 24.78 -22.41
C ALA C 30 0.69 23.67 -23.33
N LEU C 31 1.99 23.66 -23.57
CA LEU C 31 2.64 22.70 -24.47
C LEU C 31 3.35 21.65 -23.66
N PRO C 32 2.92 20.38 -23.75
CA PRO C 32 3.65 19.28 -23.12
C PRO C 32 5.09 19.20 -23.57
N ILE C 33 6.01 18.96 -22.63
CA ILE C 33 7.43 18.87 -22.94
C ILE C 33 8.06 17.65 -22.28
N VAL C 34 7.87 17.51 -20.96
CA VAL C 34 8.43 16.37 -20.22
C VAL C 34 7.34 15.58 -19.48
N GLU C 35 7.50 14.26 -19.52
CA GLU C 35 6.64 13.32 -18.79
C GLU C 35 7.46 12.30 -18.01
N ILE C 36 7.36 12.31 -16.69
CA ILE C 36 8.13 11.41 -15.83
C ILE C 36 7.32 10.14 -15.52
N ASP C 37 7.73 9.08 -16.21
CA ASP C 37 7.00 7.83 -16.36
C ASP C 37 7.60 6.73 -15.47
N ASP C 38 8.72 7.04 -14.83
CA ASP C 38 9.59 6.01 -14.29
C ASP C 38 8.93 5.11 -13.28
N GLU C 39 9.23 3.82 -13.43
CA GLU C 39 8.70 2.77 -12.55
C GLU C 39 9.48 2.67 -11.24
N ALA C 40 10.57 3.42 -11.12
CA ALA C 40 11.22 3.61 -9.84
C ALA C 40 10.34 4.33 -8.79
N TYR C 41 9.38 5.11 -9.27
CA TYR C 41 8.57 5.97 -8.40
C TYR C 41 7.21 5.44 -8.03
N TYR C 42 6.71 4.46 -8.81
CA TYR C 42 5.29 4.05 -8.72
C TYR C 42 4.99 2.59 -8.31
N ASP C 43 4.14 2.46 -7.27
CA ASP C 43 3.53 1.21 -6.82
C ASP C 43 2.24 1.10 -7.59
N TYR C 44 2.15 0.10 -8.45
CA TYR C 44 1.08 0.05 -9.44
C TYR C 44 -0.21 -0.61 -8.94
N GLN C 45 -0.20 -1.22 -7.77
CA GLN C 45 -1.46 -1.66 -7.19
C GLN C 45 -2.16 -0.47 -6.56
N VAL C 46 -1.37 0.50 -6.11
CA VAL C 46 -1.92 1.68 -5.49
C VAL C 46 -2.39 2.62 -6.56
N ASN C 47 -1.46 3.02 -7.42
CA ASN C 47 -1.77 3.79 -8.63
C ASN C 47 -1.86 2.90 -9.85
N ARG C 48 -3.05 2.38 -10.12
CA ARG C 48 -3.23 1.44 -11.23
C ARG C 48 -3.18 2.14 -12.59
N PRO C 49 -2.77 1.43 -13.65
CA PRO C 49 -2.86 2.06 -14.94
C PRO C 49 -4.28 1.98 -15.43
N VAL C 50 -4.59 2.83 -16.39
CA VAL C 50 -5.92 2.91 -16.94
C VAL C 50 -5.92 2.25 -18.32
N ILE C 51 -6.83 1.27 -18.47
CA ILE C 51 -7.02 0.55 -19.72
C ILE C 51 -8.21 1.18 -20.47
N ARG C 52 -8.16 1.19 -21.79
CA ARG C 52 -9.33 1.52 -22.62
C ARG C 52 -9.54 0.42 -23.63
N GLN C 53 -10.69 -0.26 -23.53
CA GLN C 53 -11.00 -1.40 -24.39
C GLN C 53 -12.31 -1.21 -25.12
N VAL C 54 -12.26 -1.45 -26.42
CA VAL C 54 -13.40 -1.25 -27.30
C VAL C 54 -13.60 -2.49 -28.20
N ASP C 55 -14.80 -3.05 -28.13
CA ASP C 55 -15.24 -4.17 -28.98
C ASP C 55 -14.28 -5.37 -28.95
N GLY C 56 -13.92 -5.77 -27.73
CA GLY C 56 -13.07 -6.93 -27.53
C GLY C 56 -11.57 -6.70 -27.60
N VAL C 57 -11.14 -5.46 -27.82
CA VAL C 57 -9.70 -5.16 -27.88
C VAL C 57 -9.30 -3.92 -27.07
N THR C 58 -8.14 -3.99 -26.43
CA THR C 58 -7.65 -2.83 -25.70
C THR C 58 -7.12 -1.87 -26.75
N ARG C 59 -7.50 -0.61 -26.64
CA ARG C 59 -7.06 0.42 -27.58
C ARG C 59 -6.11 1.42 -26.91
N GLU C 60 -6.08 1.48 -25.59
CA GLU C 60 -5.17 2.38 -24.90
C GLU C 60 -4.79 1.94 -23.48
N LEU C 61 -3.53 2.19 -23.16
CA LEU C 61 -2.97 1.89 -21.85
C LEU C 61 -2.27 3.12 -21.32
N GLN C 62 -2.69 3.57 -20.15
CA GLN C 62 -2.22 4.83 -19.60
C GLN C 62 -1.55 4.60 -18.26
N TRP C 63 -0.26 4.90 -18.19
CA TRP C 63 0.51 4.73 -16.98
C TRP C 63 0.58 5.97 -16.10
N PRO C 64 0.46 5.80 -14.77
CA PRO C 64 0.63 6.95 -13.88
C PRO C 64 1.98 7.60 -14.11
N ALA C 65 2.03 8.91 -14.00
CA ALA C 65 3.22 9.67 -14.34
C ALA C 65 3.10 11.13 -13.93
N MET C 66 4.21 11.84 -14.10
CA MET C 66 4.29 13.28 -13.85
C MET C 66 4.38 14.03 -15.16
N ARG C 67 3.35 14.79 -15.49
CA ARG C 67 3.31 15.60 -16.73
C ARG C 67 3.85 16.99 -16.49
N ILE C 68 4.84 17.38 -17.29
CA ILE C 68 5.39 18.73 -17.24
C ILE C 68 5.14 19.41 -18.59
N SER C 69 4.47 20.55 -18.57
CA SER C 69 4.16 21.30 -19.79
C SER C 69 4.54 22.78 -19.65
N HIS C 70 4.62 23.48 -20.79
CA HIS C 70 5.10 24.88 -20.80
C HIS C 70 4.07 25.87 -21.32
N CYS C 71 4.19 27.09 -20.84
CA CYS C 71 3.15 28.07 -20.95
C CYS C 71 3.72 29.48 -21.09
N ARG C 72 3.00 30.34 -21.79
CA ARG C 72 3.26 31.78 -21.77
C ARG C 72 1.95 32.55 -21.69
N PRO C 73 1.61 33.13 -20.52
CA PRO C 73 0.35 33.89 -20.48
C PRO C 73 0.39 35.03 -21.48
N PRO C 74 -0.76 35.33 -22.13
CA PRO C 74 -0.70 36.24 -23.28
C PRO C 74 -0.07 37.62 -23.09
N GLY C 75 -0.45 38.35 -22.05
CA GLY C 75 0.16 39.66 -21.83
C GLY C 75 1.63 39.52 -21.50
N SER C 76 1.90 38.55 -20.63
CA SER C 76 3.17 38.43 -19.93
C SER C 76 4.30 37.95 -20.78
N ASP C 77 5.50 38.20 -20.28
CA ASP C 77 6.67 37.55 -20.79
C ASP C 77 7.34 36.93 -19.59
N ARG C 78 6.67 35.94 -19.02
CA ARG C 78 7.33 34.98 -18.22
C ARG C 78 6.72 33.66 -18.62
N ASP C 79 7.54 32.65 -18.52
CA ASP C 79 7.15 31.35 -18.90
C ASP C 79 6.60 30.75 -17.64
N VAL C 80 5.54 29.98 -17.78
CA VAL C 80 4.99 29.29 -16.65
C VAL C 80 5.15 27.83 -16.96
N VAL C 81 5.80 27.10 -16.06
CA VAL C 81 5.98 25.65 -16.23
C VAL C 81 5.05 24.93 -15.29
N LEU C 82 4.19 24.09 -15.85
CA LEU C 82 3.13 23.43 -15.09
C LEU C 82 3.51 22.00 -14.86
N MET C 83 3.19 21.51 -13.66
CA MET C 83 3.44 20.11 -13.29
C MET C 83 2.20 19.52 -12.67
N CYS C 84 1.82 18.35 -13.13
CA CYS C 84 0.63 17.72 -12.60
C CYS C 84 0.69 16.23 -12.73
N GLY C 85 0.30 15.54 -11.67
CA GLY C 85 0.31 14.10 -11.67
C GLY C 85 0.24 13.52 -10.28
N VAL C 86 0.10 12.19 -10.23
CA VAL C 86 -0.11 11.49 -8.98
C VAL C 86 1.14 11.47 -8.11
N GLU C 87 0.90 11.45 -6.80
CA GLU C 87 1.96 11.42 -5.84
C GLU C 87 2.68 10.09 -5.88
N PRO C 88 3.97 10.07 -6.23
CA PRO C 88 4.65 8.79 -6.26
C PRO C 88 4.54 8.05 -4.95
N ASN C 89 4.77 6.75 -4.99
CA ASN C 89 4.81 5.93 -3.81
C ASN C 89 6.21 5.72 -3.21
N MET C 90 7.26 6.07 -3.96
CA MET C 90 8.63 5.77 -3.51
C MET C 90 9.71 6.60 -4.17
N ARG C 91 10.92 6.48 -3.62
CA ARG C 91 12.11 7.26 -4.06
C ARG C 91 11.84 8.77 -4.22
N TRP C 92 11.05 9.30 -3.29
CA TRP C 92 10.71 10.71 -3.20
C TRP C 92 11.94 11.58 -3.30
N ARG C 93 12.95 11.28 -2.52
CA ARG C 93 14.19 12.08 -2.55
C ARG C 93 14.79 12.24 -3.96
N THR C 94 14.85 11.14 -4.70
CA THR C 94 15.38 11.13 -6.07
C THR C 94 14.42 11.68 -7.11
N PHE C 95 13.12 11.54 -6.82
CA PHE C 95 12.02 12.10 -7.61
C PHE C 95 12.16 13.60 -7.59
N CYS C 96 12.44 14.13 -6.40
CA CYS C 96 12.59 15.57 -6.21
C CYS C 96 13.87 16.08 -6.89
N ASP C 97 14.96 15.33 -6.73
CA ASP C 97 16.22 15.64 -7.44
C ASP C 97 16.01 15.68 -8.95
N GLU C 98 15.20 14.76 -9.47
CA GLU C 98 14.88 14.75 -10.91
C GLU C 98 14.18 16.08 -11.32
N LEU C 99 13.06 16.38 -10.67
CA LEU C 99 12.31 17.60 -10.92
C LEU C 99 13.23 18.81 -10.84
N LEU C 100 14.09 18.85 -9.83
CA LEU C 100 15.08 19.91 -9.69
C LEU C 100 16.03 20.05 -10.89
N ALA C 101 16.44 18.92 -11.48
CA ALA C 101 17.25 18.95 -12.69
C ALA C 101 16.47 19.60 -13.83
N VAL C 102 15.17 19.33 -13.89
CA VAL C 102 14.30 19.96 -14.90
C VAL C 102 14.33 21.44 -14.61
N ILE C 103 14.15 21.78 -13.34
CA ILE C 103 14.14 23.16 -12.90
C ILE C 103 15.42 23.86 -13.24
N ASP C 104 16.52 23.16 -13.07
CA ASP C 104 17.83 23.73 -13.34
C ASP C 104 17.98 24.07 -14.82
N LYS C 105 17.67 23.12 -15.70
CA LYS C 105 17.80 23.34 -17.16
C LYS C 105 16.92 24.43 -17.69
N LEU C 106 15.78 24.61 -17.05
CA LEU C 106 14.80 25.61 -17.45
C LEU C 106 15.00 26.94 -16.77
N ASN C 107 15.99 27.02 -15.88
CA ASN C 107 16.28 28.27 -15.16
C ASN C 107 15.04 28.81 -14.50
N VAL C 108 14.52 28.06 -13.54
CA VAL C 108 13.30 28.45 -12.84
C VAL C 108 13.63 29.33 -11.63
N ASP C 109 12.90 30.43 -11.50
CA ASP C 109 13.05 31.38 -10.40
C ASP C 109 12.35 30.95 -9.15
N THR C 110 11.10 30.53 -9.34
CA THR C 110 10.13 30.42 -8.25
C THR C 110 9.22 29.22 -8.46
N VAL C 111 8.92 28.53 -7.37
CA VAL C 111 8.01 27.41 -7.45
C VAL C 111 6.79 27.65 -6.56
N VAL C 112 5.62 27.29 -7.08
CA VAL C 112 4.37 27.42 -6.34
C VAL C 112 3.63 26.09 -6.35
N ILE C 113 3.50 25.47 -5.19
CA ILE C 113 2.82 24.17 -5.10
C ILE C 113 1.41 24.30 -4.54
N LEU C 114 0.43 23.88 -5.31
CA LEU C 114 -0.96 23.93 -4.84
C LEU C 114 -1.44 22.60 -4.27
N GLY C 115 -2.23 22.69 -3.20
CA GLY C 115 -2.86 21.52 -2.60
C GLY C 115 -4.18 21.84 -1.96
N ALA C 116 -4.86 20.80 -1.51
CA ALA C 116 -6.14 20.94 -0.83
C ALA C 116 -6.37 19.82 0.15
N LEU C 117 -7.02 20.18 1.26
CA LEU C 117 -7.27 19.25 2.36
C LEU C 117 -8.71 19.36 2.86
N LEU C 118 -9.18 18.28 3.48
CA LEU C 118 -10.50 18.28 4.11
C LEU C 118 -10.39 18.85 5.52
N ALA C 119 -11.22 19.84 5.80
CA ALA C 119 -11.28 20.40 7.15
C ALA C 119 -12.71 20.62 7.62
N ASP C 120 -12.83 20.98 8.91
CA ASP C 120 -14.08 21.43 9.50
C ASP C 120 -14.25 22.91 9.13
N THR C 121 -15.05 23.17 8.10
CA THR C 121 -15.25 24.54 7.59
C THR C 121 -16.57 24.65 6.83
N PRO C 122 -17.28 25.80 6.96
CA PRO C 122 -18.55 25.91 6.24
C PRO C 122 -18.36 26.04 4.73
N HIS C 123 -19.35 25.56 3.98
CA HIS C 123 -19.39 25.76 2.53
C HIS C 123 -20.04 27.08 2.18
N THR C 124 -20.60 27.76 3.18
CA THR C 124 -21.31 29.03 2.98
C THR C 124 -20.45 30.26 3.25
N ARG C 125 -19.17 30.03 3.54
CA ARG C 125 -18.22 31.11 3.80
C ARG C 125 -16.86 30.83 3.15
N PRO C 126 -16.02 31.88 3.01
CA PRO C 126 -14.81 31.77 2.20
C PRO C 126 -13.95 30.55 2.48
N VAL C 127 -13.02 30.32 1.56
CA VAL C 127 -12.11 29.19 1.59
C VAL C 127 -10.92 29.55 2.47
N PRO C 128 -10.71 28.80 3.56
CA PRO C 128 -9.50 29.04 4.33
C PRO C 128 -8.30 28.51 3.57
N VAL C 129 -7.25 29.32 3.50
CA VAL C 129 -6.03 28.93 2.82
C VAL C 129 -4.92 28.90 3.82
N SER C 130 -4.13 27.83 3.80
CA SER C 130 -2.96 27.72 4.65
C SER C 130 -1.72 27.30 3.85
N GLY C 131 -0.58 27.37 4.51
CA GLY C 131 0.63 26.94 3.84
C GLY C 131 1.92 27.40 4.47
N ALA C 132 2.98 27.28 3.69
CA ALA C 132 4.32 27.61 4.13
C ALA C 132 5.12 28.17 2.99
N ALA C 133 6.23 28.83 3.34
CA ALA C 133 7.02 29.55 2.36
C ALA C 133 8.50 29.37 2.69
N TYR C 134 9.38 30.02 1.93
CA TYR C 134 10.84 29.78 2.05
C TYR C 134 11.51 30.53 3.19
N SER C 135 10.84 31.54 3.71
CA SER C 135 11.34 32.29 4.87
C SER C 135 10.17 32.99 5.57
N ALA C 136 10.46 33.47 6.77
CA ALA C 136 9.47 34.18 7.62
C ALA C 136 9.00 35.51 7.01
N ALA C 137 9.92 36.19 6.35
CA ALA C 137 9.57 37.35 5.56
C ALA C 137 8.64 36.90 4.44
N SER C 138 8.89 35.75 3.84
CA SER C 138 8.07 35.29 2.71
C SER C 138 6.68 34.91 3.18
N ALA C 139 6.56 34.62 4.47
CA ALA C 139 5.29 34.23 5.04
C ALA C 139 4.41 35.48 5.28
N ARG C 140 4.83 36.62 4.75
CA ARG C 140 4.00 37.81 4.65
C ARG C 140 2.54 37.46 4.37
N GLN C 141 2.35 36.45 3.51
CA GLN C 141 1.05 35.82 3.19
C GLN C 141 0.48 35.00 4.36
N PHE C 142 1.37 34.47 5.23
CA PHE C 142 0.95 33.81 6.49
C PHE C 142 1.76 34.10 7.78
N GLY C 143 1.05 34.52 8.81
CA GLY C 143 1.59 34.37 10.14
C GLY C 143 1.55 32.89 10.48
N LEU C 144 0.44 32.25 10.12
CA LEU C 144 0.01 30.98 10.70
C LEU C 144 -0.06 29.98 9.54
N GLN C 145 -0.35 28.70 9.81
CA GLN C 145 -0.22 27.67 8.72
C GLN C 145 -1.15 26.39 8.70
N GLU C 146 -0.66 25.32 8.00
CA GLU C 146 -1.41 24.10 7.47
C GLU C 146 -1.96 23.18 8.56
N THR C 147 -2.96 22.36 8.22
CA THR C 147 -3.57 21.39 9.16
C THR C 147 -2.52 20.63 10.00
N ARG C 148 -1.42 20.23 9.35
CA ARG C 148 -0.29 19.57 10.00
C ARG C 148 0.92 20.49 10.16
N TYR C 149 1.01 21.17 11.29
CA TYR C 149 2.20 21.95 11.64
C TYR C 149 3.30 20.96 12.01
N GLU C 150 2.90 19.91 12.74
CA GLU C 150 3.71 18.72 13.01
C GLU C 150 2.87 17.49 12.68
N GLY C 151 3.49 16.54 11.99
CA GLY C 151 2.81 15.31 11.58
C GLY C 151 3.16 14.93 10.17
N PRO C 152 2.50 13.89 9.62
CA PRO C 152 2.86 13.35 8.32
C PRO C 152 2.67 14.35 7.21
N THR C 153 3.60 14.37 6.24
CA THR C 153 3.50 15.22 5.05
C THR C 153 3.32 14.38 3.78
N GLY C 154 3.13 15.06 2.65
CA GLY C 154 3.10 14.44 1.34
C GLY C 154 4.23 14.97 0.48
N ILE C 155 4.19 14.63 -0.80
CA ILE C 155 5.22 15.03 -1.77
C ILE C 155 5.28 16.55 -1.96
N ALA C 156 4.12 17.20 -1.84
CA ALA C 156 4.04 18.65 -1.92
C ALA C 156 5.05 19.27 -0.94
N GLY C 157 4.89 18.96 0.33
CA GLY C 157 5.74 19.53 1.38
C GLY C 157 7.20 19.14 1.25
N VAL C 158 7.46 17.91 0.80
CA VAL C 158 8.82 17.43 0.62
C VAL C 158 9.50 18.20 -0.51
N PHE C 159 8.84 18.24 -1.65
CA PHE C 159 9.33 18.91 -2.83
C PHE C 159 9.55 20.37 -2.51
N GLN C 160 8.61 20.95 -1.79
CA GLN C 160 8.70 22.33 -1.36
C GLN C 160 10.02 22.49 -0.65
N SER C 161 10.23 21.63 0.35
CA SER C 161 11.44 21.60 1.15
C SER C 161 12.72 21.31 0.36
N ALA C 162 12.59 20.51 -0.68
CA ALA C 162 13.72 20.24 -1.56
C ALA C 162 14.11 21.49 -2.37
N CYS C 163 13.13 22.34 -2.67
CA CYS C 163 13.40 23.56 -3.43
C CYS C 163 14.14 24.55 -2.57
N VAL C 164 13.56 24.84 -1.41
CA VAL C 164 14.21 25.67 -0.39
C VAL C 164 15.67 25.27 -0.14
N GLY C 165 15.93 24.00 0.12
CA GLY C 165 17.29 23.49 0.25
C GLY C 165 18.15 23.71 -1.00
N ALA C 166 17.51 23.67 -2.17
CA ALA C 166 18.25 23.82 -3.43
C ALA C 166 18.51 25.30 -3.72
N GLY C 167 17.84 26.16 -2.95
CA GLY C 167 17.98 27.61 -3.09
C GLY C 167 16.94 28.25 -3.99
N ILE C 168 15.99 27.48 -4.50
CA ILE C 168 14.87 28.05 -5.23
C ILE C 168 13.74 28.47 -4.26
N PRO C 169 13.31 29.73 -4.32
CA PRO C 169 12.14 30.15 -3.55
C PRO C 169 10.97 29.24 -3.85
N ALA C 170 10.28 28.79 -2.83
CA ALA C 170 9.12 27.92 -3.05
C ALA C 170 8.04 28.12 -1.99
N VAL C 171 6.80 28.20 -2.45
CA VAL C 171 5.66 28.40 -1.55
C VAL C 171 4.60 27.36 -1.83
N THR C 172 3.99 26.83 -0.77
CA THR C 172 2.84 25.94 -0.94
C THR C 172 1.60 26.62 -0.34
N PHE C 173 0.47 26.51 -1.04
CA PHE C 173 -0.84 26.94 -0.53
C PHE C 173 -1.78 25.75 -0.42
N TRP C 174 -2.52 25.69 0.69
CA TRP C 174 -3.47 24.58 0.94
C TRP C 174 -4.85 25.16 1.13
N ALA C 175 -5.79 24.73 0.29
CA ALA C 175 -7.18 25.20 0.39
C ALA C 175 -7.99 24.25 1.26
N ALA C 176 -8.82 24.80 2.15
CA ALA C 176 -9.64 23.99 3.08
C ALA C 176 -11.03 23.69 2.53
N VAL C 177 -11.26 22.42 2.21
CA VAL C 177 -12.52 21.94 1.65
C VAL C 177 -13.39 21.33 2.75
N PRO C 178 -14.69 21.66 2.80
CA PRO C 178 -15.61 21.05 3.76
C PRO C 178 -15.70 19.54 3.57
N HIS C 179 -15.40 18.79 4.62
CA HIS C 179 -15.34 17.31 4.52
C HIS C 179 -16.65 16.66 4.06
N TYR C 180 -17.78 17.29 4.35
CA TYR C 180 -19.11 16.74 4.02
C TYR C 180 -19.46 16.80 2.53
N VAL C 181 -18.92 17.80 1.83
CA VAL C 181 -18.94 17.82 0.37
C VAL C 181 -17.54 17.53 -0.17
N SER C 182 -17.23 16.25 -0.30
CA SER C 182 -15.89 15.83 -0.77
C SER C 182 -15.82 15.59 -2.28
N HIS C 183 -16.98 15.41 -2.92
CA HIS C 183 -17.02 15.03 -4.34
C HIS C 183 -16.18 16.01 -5.15
N PRO C 184 -15.31 15.50 -6.06
CA PRO C 184 -14.32 16.39 -6.65
C PRO C 184 -14.71 17.17 -7.89
N PRO C 185 -15.86 17.85 -7.84
CA PRO C 185 -16.03 18.95 -8.79
C PRO C 185 -16.03 20.36 -8.15
N ASN C 186 -15.11 20.62 -7.21
CA ASN C 186 -15.12 21.87 -6.44
C ASN C 186 -14.37 23.00 -7.17
N PRO C 187 -15.09 24.11 -7.50
CA PRO C 187 -14.52 25.27 -8.19
C PRO C 187 -14.12 26.40 -7.24
N LYS C 188 -14.77 26.44 -6.10
CA LYS C 188 -14.61 27.47 -5.10
C LYS C 188 -13.15 27.60 -4.66
N ALA C 189 -12.58 26.47 -4.26
CA ALA C 189 -11.23 26.43 -3.76
C ALA C 189 -10.24 26.58 -4.91
N THR C 190 -10.61 26.04 -6.07
CA THR C 190 -9.79 26.22 -7.26
C THR C 190 -9.60 27.72 -7.53
N ILE C 191 -10.69 28.48 -7.42
CA ILE C 191 -10.60 29.93 -7.55
C ILE C 191 -9.57 30.45 -6.57
N ALA C 192 -9.80 30.14 -5.29
CA ALA C 192 -8.93 30.59 -4.21
C ALA C 192 -7.48 30.29 -4.50
N LEU C 193 -7.19 29.06 -4.91
CA LEU C 193 -5.80 28.67 -5.21
C LEU C 193 -5.25 29.50 -6.35
N LEU C 194 -6.07 29.71 -7.37
CA LEU C 194 -5.67 30.46 -8.54
C LEU C 194 -5.29 31.88 -8.17
N ARG C 195 -6.03 32.45 -7.23
CA ARG C 195 -5.76 33.80 -6.77
C ARG C 195 -4.41 33.87 -6.06
N ARG C 196 -4.08 32.83 -5.31
CA ARG C 196 -2.76 32.74 -4.68
C ARG C 196 -1.67 32.70 -5.75
N VAL C 197 -1.96 32.05 -6.86
CA VAL C 197 -1.03 31.99 -8.00
C VAL C 197 -0.81 33.39 -8.57
N GLU C 198 -1.89 34.14 -8.77
CA GLU C 198 -1.79 35.55 -9.14
C GLU C 198 -0.85 36.27 -8.19
N ASP C 199 -1.12 36.11 -6.89
CA ASP C 199 -0.38 36.83 -5.85
C ASP C 199 1.13 36.60 -5.91
N VAL C 200 1.54 35.37 -6.13
CA VAL C 200 2.97 35.05 -6.16
C VAL C 200 3.63 35.44 -7.48
N LEU C 201 3.01 35.06 -8.59
CA LEU C 201 3.59 35.23 -9.92
C LEU C 201 3.30 36.58 -10.55
N ASP C 202 2.32 37.29 -9.99
CA ASP C 202 1.87 38.59 -10.52
C ASP C 202 1.62 38.52 -12.02
N VAL C 203 0.70 37.65 -12.42
CA VAL C 203 0.09 37.70 -13.75
C VAL C 203 -1.36 37.36 -13.55
N GLU C 204 -2.25 38.13 -14.15
CA GLU C 204 -3.67 37.91 -13.94
C GLU C 204 -4.09 36.63 -14.65
N VAL C 205 -4.93 35.85 -13.98
CA VAL C 205 -5.47 34.61 -14.51
C VAL C 205 -6.95 34.81 -14.79
N PRO C 206 -7.39 34.54 -16.03
CA PRO C 206 -8.80 34.63 -16.38
C PRO C 206 -9.56 33.51 -15.77
N LEU C 207 -10.56 33.83 -14.96
CA LEU C 207 -11.31 32.80 -14.27
C LEU C 207 -12.43 32.27 -15.14
N ALA C 208 -12.81 33.01 -16.18
CA ALA C 208 -13.87 32.59 -17.12
C ALA C 208 -15.22 32.32 -16.43
N ASP C 209 -15.67 31.05 -16.44
CA ASP C 209 -16.99 30.69 -15.96
C ASP C 209 -16.95 30.14 -14.54
N LEU C 210 -15.81 30.22 -13.87
CA LEU C 210 -15.66 29.59 -12.55
C LEU C 210 -16.62 30.15 -11.49
N PRO C 211 -16.78 31.49 -11.42
CA PRO C 211 -17.68 32.03 -10.41
C PRO C 211 -19.11 31.49 -10.53
N ALA C 212 -19.63 31.45 -11.75
CA ALA C 212 -20.95 30.90 -12.01
C ALA C 212 -21.09 29.49 -11.46
N GLN C 213 -20.05 28.69 -11.71
CA GLN C 213 -20.03 27.31 -11.26
C GLN C 213 -19.93 27.23 -9.73
N ALA C 214 -19.25 28.20 -9.12
CA ALA C 214 -19.10 28.24 -7.66
C ALA C 214 -20.40 28.62 -6.98
N GLU C 215 -21.07 29.62 -7.51
CA GLU C 215 -22.32 30.10 -6.91
C GLU C 215 -23.41 29.04 -7.10
N ALA C 216 -23.41 28.39 -8.27
CA ALA C 216 -24.33 27.27 -8.50
C ALA C 216 -24.05 26.15 -7.52
N TRP C 217 -22.76 25.86 -7.35
CA TRP C 217 -22.30 24.83 -6.42
C TRP C 217 -22.80 25.16 -5.01
N GLU C 218 -22.48 26.35 -4.53
CA GLU C 218 -22.81 26.76 -3.16
C GLU C 218 -24.33 26.81 -2.89
N ARG C 219 -25.11 27.26 -3.88
CA ARG C 219 -26.57 27.30 -3.77
C ARG C 219 -27.16 25.88 -3.69
N GLU C 220 -26.63 24.97 -4.50
CA GLU C 220 -27.17 23.61 -4.59
C GLU C 220 -26.61 22.65 -3.55
N ILE C 221 -25.76 23.15 -2.66
CA ILE C 221 -25.41 22.44 -1.42
C ILE C 221 -26.33 22.94 -0.32
N THR C 222 -26.57 24.25 -0.27
CA THR C 222 -27.58 24.82 0.63
C THR C 222 -28.99 24.35 0.25
N GLU C 223 -29.15 23.88 -0.99
CA GLU C 223 -30.42 23.31 -1.48
C GLU C 223 -30.81 22.06 -0.67
N THR C 224 -29.85 21.17 -0.44
CA THR C 224 -30.10 19.91 0.23
C THR C 224 -30.02 20.14 1.75
N ILE C 225 -31.13 20.64 2.29
CA ILE C 225 -31.20 21.09 3.67
C ILE C 225 -32.22 20.19 4.41
N ALA C 226 -32.41 18.99 3.87
CA ALA C 226 -33.26 18.00 4.52
C ALA C 226 -32.67 17.61 5.87
N GLU C 227 -31.52 16.95 5.90
CA GLU C 227 -30.92 16.65 7.20
C GLU C 227 -30.24 17.85 7.88
N ASP C 228 -29.51 18.69 7.13
CA ASP C 228 -28.37 19.42 7.74
C ASP C 228 -28.47 20.75 8.50
N HIS C 229 -27.65 20.77 9.54
CA HIS C 229 -27.88 21.42 10.80
C HIS C 229 -26.50 21.85 11.23
N GLU C 230 -26.34 22.26 12.50
CA GLU C 230 -25.00 22.53 12.99
C GLU C 230 -24.39 23.50 12.01
N LEU C 231 -25.26 24.25 11.32
CA LEU C 231 -24.85 25.27 10.39
C LEU C 231 -24.04 26.23 11.23
N ALA C 232 -24.68 26.69 12.30
CA ALA C 232 -24.16 27.67 13.23
C ALA C 232 -22.81 27.23 13.76
N GLU C 233 -22.65 25.92 13.95
CA GLU C 233 -21.43 25.43 14.55
C GLU C 233 -20.23 25.89 13.76
N TYR C 234 -20.23 25.59 12.47
CA TYR C 234 -19.16 26.04 11.59
C TYR C 234 -19.24 27.53 11.35
N VAL C 235 -20.44 28.02 11.11
CA VAL C 235 -20.66 29.42 10.86
C VAL C 235 -19.94 30.28 11.92
N GLN C 236 -19.54 29.67 13.05
CA GLN C 236 -18.57 30.24 13.99
C GLN C 236 -18.19 29.19 15.06
#